data_3BJZ
#
_entry.id   3BJZ
#
_cell.length_a   123.842
_cell.length_b   131.609
_cell.length_c   48.774
_cell.angle_alpha   90.00
_cell.angle_beta   90.00
_cell.angle_gamma   90.00
#
_symmetry.space_group_name_H-M   'P 21 21 2'
#
loop_
_entity.id
_entity.type
_entity.pdbx_description
1 polymer 'Phosphoheptose isomerase'
2 non-polymer 'SULFATE ION'
3 non-polymer 'CHLORIDE ION'
4 water water
#
_entity_poly.entity_id   1
_entity_poly.type   'polypeptide(L)'
_entity_poly.pdbx_seq_one_letter_code
;GH(MSE)D(MSE)QHRIRQLFQASIETKQQALEVLPPYIEQASLV(MSE)VNALLNEGKILSCGNGGSAGDAQHFSSELL
NRFERERPSLPAVALTTDSSTITSIANDYSYNEVFSKQIRALGQPGDVLLAISTSGNSANVIQAIQAAHDRE(MSE)LVV
ALTGRDGGG(MSE)ASLLLPEDVEIRVPSKITARIQEVHLLAIHCLCDLIDRQLFGSEE
;
_entity_poly.pdbx_strand_id   A,B,C,D
#
loop_
_chem_comp.id
_chem_comp.type
_chem_comp.name
_chem_comp.formula
CL non-polymer 'CHLORIDE ION' 'Cl -1'
SO4 non-polymer 'SULFATE ION' 'O4 S -2'
#
# COMPACT_ATOMS: atom_id res chain seq x y z
N ASP A 4 20.11 7.75 -33.32
CA ASP A 4 20.60 6.52 -32.62
C ASP A 4 19.71 6.05 -31.44
N MSE A 5 19.19 7.00 -30.67
CA MSE A 5 18.14 6.72 -29.69
C MSE A 5 16.90 6.10 -30.36
O MSE A 5 16.28 5.20 -29.81
CB MSE A 5 17.78 7.96 -28.88
CG MSE A 5 18.67 8.14 -27.66
SE MSE A 5 18.12 9.60 -26.49
CE MSE A 5 18.46 11.09 -27.70
N GLN A 6 16.59 6.58 -31.56
CA GLN A 6 15.62 5.93 -32.44
C GLN A 6 16.01 4.49 -32.78
N HIS A 7 17.25 4.26 -33.22
CA HIS A 7 17.76 2.89 -33.43
C HIS A 7 17.49 2.01 -32.22
N ARG A 8 17.79 2.53 -31.02
CA ARG A 8 17.64 1.74 -29.80
C ARG A 8 16.17 1.45 -29.45
N ILE A 9 15.27 2.42 -29.64
CA ILE A 9 13.85 2.25 -29.36
C ILE A 9 13.27 1.17 -30.27
N ARG A 10 13.59 1.26 -31.56
N ARG A 10 13.55 1.29 -31.56
CA ARG A 10 13.12 0.25 -32.54
CA ARG A 10 13.18 0.27 -32.56
C ARG A 10 13.74 -1.13 -32.32
C ARG A 10 13.66 -1.11 -32.12
N GLN A 11 14.93 -1.18 -31.74
CA GLN A 11 15.55 -2.44 -31.30
C GLN A 11 14.83 -3.03 -30.05
N LEU A 12 14.48 -2.18 -29.09
CA LEU A 12 13.71 -2.61 -27.92
C LEU A 12 12.29 -3.11 -28.27
N PHE A 13 11.59 -2.39 -29.15
CA PHE A 13 10.30 -2.83 -29.67
C PHE A 13 10.36 -4.17 -30.39
N GLN A 14 11.41 -4.36 -31.19
CA GLN A 14 11.62 -5.62 -31.91
C GLN A 14 11.96 -6.78 -31.00
N ALA A 15 12.80 -6.52 -29.99
CA ALA A 15 13.10 -7.54 -28.99
C ALA A 15 11.83 -7.91 -28.22
N SER A 16 10.94 -6.94 -28.01
CA SER A 16 9.70 -7.17 -27.30
C SER A 16 8.77 -8.01 -28.15
N ILE A 17 8.64 -7.62 -29.43
CA ILE A 17 7.83 -8.35 -30.40
C ILE A 17 8.35 -9.78 -30.60
N GLU A 18 9.67 -9.92 -30.72
CA GLU A 18 10.32 -11.21 -30.99
C GLU A 18 10.20 -12.20 -29.83
N THR A 19 10.30 -11.72 -28.60
CA THR A 19 10.10 -12.58 -27.42
C THR A 19 8.67 -13.11 -27.39
N LYS A 20 7.75 -12.25 -27.77
CA LYS A 20 6.35 -12.57 -27.74
C LYS A 20 6.05 -13.65 -28.77
N GLN A 21 6.70 -13.54 -29.93
CA GLN A 21 6.61 -14.54 -31.00
C GLN A 21 7.12 -15.90 -30.56
N GLN A 22 8.24 -15.92 -29.85
CA GLN A 22 8.76 -17.19 -29.32
C GLN A 22 7.95 -17.69 -28.12
N ALA A 23 7.35 -16.76 -27.38
CA ALA A 23 6.41 -17.14 -26.32
C ALA A 23 5.20 -17.83 -26.91
N LEU A 24 4.75 -17.32 -28.05
CA LEU A 24 3.64 -17.87 -28.82
C LEU A 24 3.84 -19.34 -29.21
N GLU A 25 5.09 -19.77 -29.29
CA GLU A 25 5.38 -21.14 -29.71
C GLU A 25 5.35 -22.15 -28.54
N VAL A 26 5.69 -21.72 -27.34
CA VAL A 26 5.69 -22.62 -26.18
C VAL A 26 4.53 -22.46 -25.19
N LEU A 27 3.95 -21.27 -25.10
CA LEU A 27 3.10 -20.94 -23.94
C LEU A 27 1.62 -21.36 -23.98
N PRO A 28 0.93 -21.19 -25.13
CA PRO A 28 -0.53 -21.43 -25.15
C PRO A 28 -1.06 -22.75 -24.56
N PRO A 29 -0.34 -23.87 -24.71
CA PRO A 29 -0.83 -25.06 -23.98
C PRO A 29 -0.88 -24.85 -22.47
N TYR A 30 0.18 -24.27 -21.92
CA TYR A 30 0.28 -24.06 -20.47
C TYR A 30 -0.66 -22.98 -19.97
N ILE A 31 -0.90 -21.95 -20.80
CA ILE A 31 -1.89 -20.95 -20.47
C ILE A 31 -3.27 -21.60 -20.41
N GLU A 32 -3.60 -22.41 -21.42
CA GLU A 32 -4.89 -23.11 -21.39
C GLU A 32 -5.06 -24.00 -20.16
N GLN A 33 -4.05 -24.82 -19.88
CA GLN A 33 -4.07 -25.71 -18.72
C GLN A 33 -4.18 -24.92 -17.40
N ALA A 34 -3.45 -23.80 -17.28
CA ALA A 34 -3.48 -22.96 -16.10
C ALA A 34 -4.89 -22.43 -15.85
N SER A 35 -5.53 -21.99 -16.94
CA SER A 35 -6.83 -21.37 -16.83
C SER A 35 -7.96 -22.36 -16.51
N LEU A 36 -7.86 -23.60 -17.02
CA LEU A 36 -8.83 -24.65 -16.68
C LEU A 36 -8.80 -25.00 -15.19
N VAL A 37 -7.57 -25.11 -14.66
CA VAL A 37 -7.31 -25.32 -13.24
C VAL A 37 -7.99 -24.25 -12.40
N MSE A 38 -7.89 -23.00 -12.86
CA MSE A 38 -8.46 -21.86 -12.16
C MSE A 38 -9.97 -21.85 -12.27
O MSE A 38 -10.66 -21.63 -11.27
CB MSE A 38 -7.87 -20.57 -12.67
CG MSE A 38 -6.50 -20.28 -12.13
SE MSE A 38 -5.61 -18.90 -13.18
CE MSE A 38 -4.50 -18.12 -11.76
N VAL A 39 -10.48 -22.09 -13.48
CA VAL A 39 -11.93 -22.24 -13.71
C VAL A 39 -12.52 -23.40 -12.88
N ASN A 40 -11.90 -24.57 -12.90
CA ASN A 40 -12.36 -25.72 -12.12
C ASN A 40 -12.46 -25.41 -10.62
N ALA A 41 -11.44 -24.72 -10.10
CA ALA A 41 -11.41 -24.34 -8.68
C ALA A 41 -12.56 -23.41 -8.33
N LEU A 42 -12.78 -22.40 -9.16
CA LEU A 42 -13.86 -21.43 -8.96
C LEU A 42 -15.26 -22.06 -9.05
N LEU A 43 -15.45 -22.97 -9.99
CA LEU A 43 -16.70 -23.71 -10.12
C LEU A 43 -16.95 -24.64 -8.92
N ASN A 44 -15.86 -25.18 -8.36
CA ASN A 44 -15.91 -25.94 -7.11
C ASN A 44 -15.96 -25.06 -5.86
N GLU A 45 -16.56 -23.87 -5.98
CA GLU A 45 -16.66 -22.91 -4.86
C GLU A 45 -15.32 -22.51 -4.21
N GLY A 46 -14.23 -22.49 -4.98
CA GLY A 46 -12.91 -22.13 -4.48
C GLY A 46 -12.51 -20.70 -4.81
N LYS A 47 -11.24 -20.36 -4.56
CA LYS A 47 -10.76 -19.01 -4.79
C LYS A 47 -9.32 -19.02 -5.24
N ILE A 48 -8.90 -17.87 -5.79
CA ILE A 48 -7.54 -17.67 -6.28
C ILE A 48 -6.85 -16.66 -5.36
N LEU A 49 -5.69 -17.03 -4.85
CA LEU A 49 -4.79 -16.13 -4.15
C LEU A 49 -3.60 -15.90 -5.06
N SER A 50 -3.16 -14.66 -5.19
CA SER A 50 -2.04 -14.33 -6.08
C SER A 50 -0.97 -13.48 -5.41
N CYS A 51 0.28 -13.69 -5.81
CA CYS A 51 1.42 -13.08 -5.15
C CYS A 51 2.60 -12.89 -6.10
N GLY A 52 3.39 -11.85 -5.84
CA GLY A 52 4.57 -11.58 -6.63
C GLY A 52 5.48 -10.57 -5.96
N ASN A 53 6.75 -10.57 -6.35
CA ASN A 53 7.71 -9.61 -5.81
C ASN A 53 8.23 -8.67 -6.87
N GLY A 54 8.53 -7.44 -6.46
CA GLY A 54 9.12 -6.44 -7.35
C GLY A 54 8.16 -6.02 -8.43
N GLY A 55 8.63 -6.04 -9.68
CA GLY A 55 7.80 -5.73 -10.84
C GLY A 55 6.69 -6.74 -11.08
N SER A 56 6.85 -7.95 -10.54
CA SER A 56 5.83 -8.99 -10.65
C SER A 56 4.67 -8.77 -9.68
N ALA A 57 4.78 -7.73 -8.85
CA ALA A 57 3.80 -7.48 -7.79
C ALA A 57 2.57 -6.71 -8.28
N GLY A 58 2.79 -5.80 -9.22
CA GLY A 58 1.68 -5.13 -9.90
C GLY A 58 0.81 -6.13 -10.64
N ASP A 59 1.46 -7.06 -11.34
CA ASP A 59 0.84 -8.15 -12.08
C ASP A 59 -0.15 -8.95 -11.23
N ALA A 60 0.29 -9.37 -10.04
CA ALA A 60 -0.52 -10.12 -9.09
C ALA A 60 -1.74 -9.33 -8.60
N GLN A 61 -1.53 -8.05 -8.31
CA GLN A 61 -2.63 -7.18 -7.88
C GLN A 61 -3.56 -6.93 -9.05
N HIS A 62 -2.97 -6.70 -10.21
CA HIS A 62 -3.76 -6.41 -11.39
C HIS A 62 -4.69 -7.58 -11.75
N PHE A 63 -4.15 -8.80 -11.76
CA PHE A 63 -4.94 -10.01 -11.91
C PHE A 63 -6.18 -10.08 -11.01
N SER A 64 -5.95 -10.06 -9.69
CA SER A 64 -7.03 -10.14 -8.68
C SER A 64 -7.97 -8.93 -8.65
N SER A 65 -7.43 -7.73 -8.84
CA SER A 65 -8.23 -6.49 -8.85
C SER A 65 -9.24 -6.53 -10.00
N GLU A 66 -8.75 -6.92 -11.17
CA GLU A 66 -9.58 -7.15 -12.36
C GLU A 66 -10.82 -7.99 -12.10
N LEU A 67 -10.62 -9.21 -11.60
CA LEU A 67 -11.70 -10.20 -11.47
C LEU A 67 -12.66 -9.93 -10.32
N LEU A 68 -12.13 -9.33 -9.26
CA LEU A 68 -12.86 -9.05 -8.04
C LEU A 68 -13.63 -7.74 -8.12
N ASN A 69 -12.96 -6.68 -8.53
CA ASN A 69 -13.59 -5.37 -8.43
C ASN A 69 -14.41 -5.02 -9.67
N ARG A 70 -13.97 -5.52 -10.82
CA ARG A 70 -14.63 -5.28 -12.11
C ARG A 70 -14.79 -3.78 -12.40
N PHE A 71 -13.68 -3.04 -12.26
CA PHE A 71 -13.60 -1.60 -12.51
C PHE A 71 -13.58 -1.24 -14.00
N GLU A 72 -13.18 -2.19 -14.85
CA GLU A 72 -13.09 -1.90 -16.29
C GLU A 72 -14.07 -2.68 -17.17
N ARG A 73 -14.62 -3.78 -16.64
CA ARG A 73 -15.64 -4.57 -17.35
C ARG A 73 -16.77 -4.99 -16.41
N GLU A 74 -17.99 -5.05 -16.96
CA GLU A 74 -19.17 -5.36 -16.16
C GLU A 74 -19.60 -6.83 -16.29
N ARG A 75 -18.98 -7.69 -15.49
CA ARG A 75 -19.45 -9.07 -15.27
C ARG A 75 -19.33 -9.43 -13.77
N PRO A 76 -19.84 -10.60 -13.35
CA PRO A 76 -19.76 -10.98 -11.93
C PRO A 76 -18.35 -10.96 -11.32
N SER A 77 -18.28 -10.56 -10.05
CA SER A 77 -17.05 -10.59 -9.27
C SER A 77 -16.62 -12.02 -9.02
N LEU A 78 -15.33 -12.25 -9.12
CA LEU A 78 -14.79 -13.56 -8.83
C LEU A 78 -13.84 -13.45 -7.64
N PRO A 79 -13.81 -14.50 -6.79
CA PRO A 79 -12.93 -14.52 -5.62
C PRO A 79 -11.46 -14.69 -6.04
N ALA A 80 -10.89 -13.59 -6.55
CA ALA A 80 -9.46 -13.46 -6.78
C ALA A 80 -8.88 -12.40 -5.83
N VAL A 81 -7.90 -12.79 -5.02
CA VAL A 81 -7.36 -11.92 -3.98
C VAL A 81 -5.84 -11.86 -4.05
N ALA A 82 -5.32 -10.64 -4.14
CA ALA A 82 -3.87 -10.45 -4.11
C ALA A 82 -3.40 -10.33 -2.68
N LEU A 83 -2.31 -11.04 -2.41
CA LEU A 83 -1.61 -11.01 -1.13
C LEU A 83 -0.71 -9.78 -1.06
N THR A 84 -0.75 -9.04 0.04
CA THR A 84 0.12 -7.87 0.21
C THR A 84 0.56 -7.70 1.66
N TYR A 99 11.90 -11.74 6.57
CA TYR A 99 10.46 -11.85 6.39
C TYR A 99 10.11 -12.60 5.10
N ASN A 100 10.64 -13.82 4.99
CA ASN A 100 10.30 -14.71 3.88
C ASN A 100 8.92 -15.35 4.04
N GLU A 101 8.25 -15.06 5.15
CA GLU A 101 6.99 -15.71 5.51
C GLU A 101 5.70 -14.87 5.35
N VAL A 102 5.84 -13.60 4.97
CA VAL A 102 4.66 -12.73 4.77
C VAL A 102 3.60 -13.28 3.81
N PHE A 103 4.02 -13.95 2.74
CA PHE A 103 3.09 -14.64 1.85
C PHE A 103 2.64 -16.00 2.42
N SER A 104 3.61 -16.79 2.85
CA SER A 104 3.35 -18.05 3.55
C SER A 104 2.26 -17.91 4.62
N LYS A 105 2.39 -16.89 5.45
CA LYS A 105 1.54 -16.79 6.61
C LYS A 105 0.12 -16.43 6.23
N GLN A 106 -0.03 -15.59 5.21
CA GLN A 106 -1.36 -15.23 4.70
C GLN A 106 -2.05 -16.42 4.01
N ILE A 107 -1.27 -17.22 3.29
CA ILE A 107 -1.81 -18.40 2.63
C ILE A 107 -2.32 -19.38 3.70
N ARG A 108 -1.47 -19.68 4.68
CA ARG A 108 -1.85 -20.52 5.81
C ARG A 108 -3.11 -20.01 6.51
N ALA A 109 -3.20 -18.71 6.74
CA ALA A 109 -4.41 -18.13 7.33
C ALA A 109 -5.64 -18.20 6.44
N LEU A 110 -5.47 -18.08 5.12
CA LEU A 110 -6.61 -17.89 4.21
C LEU A 110 -6.93 -19.05 3.26
N GLY A 111 -5.91 -19.80 2.88
CA GLY A 111 -6.05 -20.85 1.87
C GLY A 111 -6.82 -22.06 2.37
N GLN A 112 -7.74 -22.56 1.55
CA GLN A 112 -8.50 -23.77 1.83
C GLN A 112 -8.23 -24.76 0.69
N PRO A 113 -8.28 -26.08 0.96
CA PRO A 113 -7.90 -27.04 -0.10
C PRO A 113 -8.70 -26.84 -1.41
N GLY A 114 -8.02 -27.03 -2.53
CA GLY A 114 -8.64 -26.81 -3.82
C GLY A 114 -8.50 -25.37 -4.33
N ASP A 115 -8.22 -24.41 -3.42
CA ASP A 115 -7.92 -23.03 -3.82
C ASP A 115 -6.70 -23.08 -4.76
N VAL A 116 -6.48 -22.00 -5.51
CA VAL A 116 -5.34 -21.92 -6.42
C VAL A 116 -4.47 -20.73 -6.07
N LEU A 117 -3.15 -20.92 -6.08
CA LEU A 117 -2.20 -19.84 -5.94
C LEU A 117 -1.61 -19.41 -7.30
N LEU A 118 -1.81 -18.16 -7.69
CA LEU A 118 -1.05 -17.62 -8.82
C LEU A 118 0.24 -16.97 -8.27
N ALA A 119 1.37 -17.63 -8.53
CA ALA A 119 2.68 -17.21 -8.05
C ALA A 119 3.49 -16.64 -9.21
N ILE A 120 3.94 -15.38 -9.06
CA ILE A 120 4.62 -14.66 -10.13
C ILE A 120 6.00 -14.20 -9.67
N SER A 121 7.02 -14.56 -10.45
CA SER A 121 8.31 -13.88 -10.39
C SER A 121 9.09 -14.11 -11.68
N THR A 122 10.02 -13.22 -11.98
CA THR A 122 10.75 -13.27 -13.24
C THR A 122 12.02 -14.13 -13.15
N SER A 123 12.62 -14.18 -11.97
CA SER A 123 13.78 -15.03 -11.71
C SER A 123 13.35 -16.44 -11.33
N GLY A 124 12.20 -16.54 -10.66
CA GLY A 124 11.75 -17.79 -10.09
C GLY A 124 12.40 -18.06 -8.74
N ASN A 125 13.17 -17.09 -8.24
CA ASN A 125 13.96 -17.31 -7.02
C ASN A 125 13.53 -16.53 -5.78
N SER A 126 12.47 -15.74 -5.90
CA SER A 126 11.94 -14.98 -4.76
C SER A 126 11.75 -15.91 -3.57
N ALA A 127 12.39 -15.56 -2.45
CA ALA A 127 12.37 -16.42 -1.26
C ALA A 127 10.96 -16.62 -0.74
N ASN A 128 10.21 -15.53 -0.65
CA ASN A 128 8.81 -15.58 -0.20
C ASN A 128 7.85 -16.31 -1.14
N VAL A 129 8.01 -16.14 -2.44
CA VAL A 129 7.17 -16.82 -3.44
C VAL A 129 7.44 -18.33 -3.45
N ILE A 130 8.71 -18.70 -3.25
CA ILE A 130 9.09 -20.10 -3.05
C ILE A 130 8.41 -20.63 -1.80
N GLN A 131 8.38 -19.80 -0.74
CA GLN A 131 7.74 -20.21 0.49
C GLN A 131 6.21 -20.13 0.43
N ALA A 132 5.71 -19.34 -0.51
CA ALA A 132 4.28 -19.25 -0.82
C ALA A 132 3.80 -20.54 -1.46
N ILE A 133 4.63 -21.09 -2.35
CA ILE A 133 4.39 -22.36 -3.03
C ILE A 133 4.29 -23.49 -2.02
N GLN A 134 5.27 -23.55 -1.12
CA GLN A 134 5.31 -24.51 -0.04
C GLN A 134 4.06 -24.43 0.83
N ALA A 135 3.66 -23.21 1.19
CA ALA A 135 2.47 -22.97 1.98
C ALA A 135 1.19 -23.34 1.24
N ALA A 136 1.22 -23.24 -0.09
CA ALA A 136 0.07 -23.62 -0.92
C ALA A 136 -0.10 -25.15 -0.95
N HIS A 137 0.98 -25.87 -1.25
CA HIS A 137 0.97 -27.34 -1.23
C HIS A 137 0.58 -27.90 0.13
N ASP A 138 1.09 -27.29 1.19
CA ASP A 138 0.74 -27.66 2.57
C ASP A 138 -0.75 -27.53 2.83
N ARG A 139 -1.40 -26.54 2.20
CA ARG A 139 -2.86 -26.36 2.31
C ARG A 139 -3.67 -27.12 1.24
N GLU A 140 -3.00 -28.01 0.52
CA GLU A 140 -3.63 -28.81 -0.54
C GLU A 140 -4.18 -27.93 -1.69
N MSE A 141 -3.45 -26.87 -2.00
CA MSE A 141 -3.79 -25.97 -3.09
C MSE A 141 -2.96 -26.29 -4.32
O MSE A 141 -1.83 -26.77 -4.23
CB MSE A 141 -3.52 -24.52 -2.69
CG MSE A 141 -4.47 -23.97 -1.65
SE MSE A 141 -3.86 -22.23 -0.98
CE MSE A 141 -4.01 -21.13 -2.59
N LEU A 142 -3.53 -26.01 -5.49
CA LEU A 142 -2.77 -26.10 -6.74
C LEU A 142 -2.10 -24.76 -7.04
N VAL A 143 -0.96 -24.80 -7.73
CA VAL A 143 -0.21 -23.59 -8.09
C VAL A 143 -0.08 -23.36 -9.59
N VAL A 144 -0.43 -22.15 -10.04
CA VAL A 144 -0.08 -21.68 -11.36
C VAL A 144 1.11 -20.73 -11.22
N ALA A 145 2.26 -21.11 -11.80
CA ALA A 145 3.50 -20.38 -11.60
C ALA A 145 3.96 -19.65 -12.85
N LEU A 146 3.99 -18.32 -12.75
CA LEU A 146 4.45 -17.48 -13.83
C LEU A 146 5.93 -17.20 -13.66
N THR A 147 6.73 -17.68 -14.59
CA THR A 147 8.18 -17.61 -14.44
C THR A 147 8.79 -17.22 -15.76
N GLY A 148 10.10 -17.00 -15.74
CA GLY A 148 10.89 -16.76 -16.93
C GLY A 148 12.21 -17.44 -16.73
N ARG A 149 13.22 -17.04 -17.51
CA ARG A 149 14.52 -17.71 -17.52
C ARG A 149 14.26 -19.20 -17.76
N ASP A 150 14.82 -20.07 -16.93
CA ASP A 150 14.43 -21.47 -17.04
C ASP A 150 13.79 -22.03 -15.78
N GLY A 151 13.04 -21.16 -15.10
CA GLY A 151 12.22 -21.52 -13.95
C GLY A 151 13.04 -21.76 -12.70
N GLY A 152 14.19 -22.42 -12.88
CA GLY A 152 15.14 -22.76 -11.83
C GLY A 152 14.53 -23.48 -10.65
N GLY A 153 14.72 -22.88 -9.46
CA GLY A 153 14.01 -23.29 -8.26
C GLY A 153 12.59 -22.79 -8.33
N MSE A 154 11.76 -23.19 -7.37
CA MSE A 154 10.30 -23.03 -7.43
C MSE A 154 9.69 -23.86 -8.57
O MSE A 154 8.72 -24.58 -8.36
CB MSE A 154 9.84 -21.54 -7.38
CG MSE A 154 9.51 -20.80 -8.70
SE MSE A 154 8.80 -18.95 -8.46
CE MSE A 154 6.94 -19.25 -8.99
N ALA A 155 10.31 -23.79 -9.74
CA ALA A 155 9.90 -24.60 -10.89
C ALA A 155 10.28 -26.06 -10.70
N SER A 156 11.15 -26.32 -9.72
CA SER A 156 11.52 -27.68 -9.32
C SER A 156 10.65 -28.18 -8.17
N LEU A 157 10.05 -27.24 -7.42
CA LEU A 157 9.11 -27.54 -6.34
C LEU A 157 7.68 -27.89 -6.80
N LEU A 158 7.39 -27.78 -8.10
CA LEU A 158 6.02 -27.97 -8.57
C LEU A 158 5.65 -29.44 -8.70
N LEU A 159 4.41 -29.75 -8.35
CA LEU A 159 3.92 -31.12 -8.35
C LEU A 159 3.16 -31.40 -9.66
N PRO A 160 2.92 -32.69 -9.99
CA PRO A 160 2.37 -33.06 -11.31
C PRO A 160 1.10 -32.31 -11.72
N GLU A 161 0.32 -31.85 -10.74
CA GLU A 161 -0.95 -31.17 -11.00
C GLU A 161 -0.87 -29.63 -11.01
N ASP A 162 0.28 -29.09 -10.58
CA ASP A 162 0.60 -27.68 -10.71
C ASP A 162 0.92 -27.36 -12.17
N VAL A 163 0.99 -26.08 -12.53
CA VAL A 163 1.24 -25.64 -13.91
C VAL A 163 2.25 -24.50 -13.90
N GLU A 164 3.27 -24.62 -14.76
CA GLU A 164 4.23 -23.55 -14.96
C GLU A 164 4.09 -22.89 -16.34
N ILE A 165 4.13 -21.56 -16.33
CA ILE A 165 4.12 -20.79 -17.55
C ILE A 165 5.46 -20.07 -17.60
N ARG A 166 6.42 -20.67 -18.29
CA ARG A 166 7.79 -20.20 -18.28
C ARG A 166 8.08 -19.44 -19.55
N VAL A 167 8.32 -18.14 -19.44
CA VAL A 167 8.66 -17.32 -20.59
C VAL A 167 10.01 -17.75 -21.17
N PRO A 168 10.06 -18.04 -22.49
CA PRO A 168 11.32 -18.39 -23.13
C PRO A 168 12.27 -17.20 -23.24
N SER A 169 12.74 -16.70 -22.09
CA SER A 169 13.64 -15.54 -22.09
C SER A 169 14.35 -15.42 -20.78
N LYS A 170 15.51 -14.75 -20.81
CA LYS A 170 16.30 -14.50 -19.63
C LYS A 170 16.31 -13.00 -19.25
N ILE A 171 15.74 -12.16 -20.11
CA ILE A 171 15.77 -10.71 -19.92
C ILE A 171 14.57 -10.29 -19.08
N THR A 172 14.83 -9.79 -17.87
CA THR A 172 13.75 -9.37 -16.93
C THR A 172 12.64 -8.56 -17.60
N ALA A 173 13.02 -7.50 -18.31
CA ALA A 173 12.04 -6.64 -18.94
C ALA A 173 11.14 -7.38 -19.94
N ARG A 174 11.72 -8.23 -20.80
CA ARG A 174 10.94 -9.03 -21.75
C ARG A 174 10.00 -10.02 -21.05
N ILE A 175 10.46 -10.59 -19.94
CA ILE A 175 9.69 -11.52 -19.09
C ILE A 175 8.47 -10.83 -18.44
N GLN A 176 8.70 -9.65 -17.88
CA GLN A 176 7.61 -8.80 -17.39
C GLN A 176 6.55 -8.54 -18.46
N GLU A 177 7.01 -8.21 -19.66
CA GLU A 177 6.11 -7.92 -20.76
C GLU A 177 5.21 -9.10 -21.16
N VAL A 178 5.79 -10.31 -21.19
CA VAL A 178 5.04 -11.52 -21.56
C VAL A 178 4.16 -11.97 -20.40
N HIS A 179 4.59 -11.71 -19.16
CA HIS A 179 3.78 -11.98 -17.99
C HIS A 179 2.48 -11.20 -18.00
N LEU A 180 2.58 -9.91 -18.31
CA LEU A 180 1.40 -9.07 -18.38
C LEU A 180 0.41 -9.60 -19.42
N LEU A 181 0.92 -9.95 -20.60
CA LEU A 181 0.10 -10.55 -21.65
C LEU A 181 -0.55 -11.85 -21.16
N ALA A 182 0.22 -12.66 -20.43
CA ALA A 182 -0.22 -13.99 -19.99
C ALA A 182 -1.34 -13.90 -18.98
N ILE A 183 -1.21 -12.93 -18.08
CA ILE A 183 -2.25 -12.61 -17.11
C ILE A 183 -3.50 -12.12 -17.81
N HIS A 184 -3.33 -11.30 -18.86
CA HIS A 184 -4.48 -10.85 -19.64
C HIS A 184 -5.18 -12.02 -20.33
N CYS A 185 -4.41 -12.99 -20.83
CA CYS A 185 -4.97 -14.26 -21.34
C CYS A 185 -5.65 -15.10 -20.27
N LEU A 186 -5.08 -15.17 -19.07
CA LEU A 186 -5.71 -15.95 -18.00
C LEU A 186 -7.09 -15.38 -17.65
N CYS A 187 -7.15 -14.08 -17.35
CA CYS A 187 -8.42 -13.41 -17.01
C CYS A 187 -9.48 -13.59 -18.07
N ASP A 188 -9.04 -13.44 -19.33
CA ASP A 188 -9.94 -13.49 -20.45
C ASP A 188 -10.58 -14.86 -20.66
N LEU A 189 -9.77 -15.91 -20.55
CA LEU A 189 -10.26 -17.28 -20.68
C LEU A 189 -11.09 -17.72 -19.48
N ILE A 190 -10.75 -17.21 -18.28
CA ILE A 190 -11.59 -17.47 -17.10
C ILE A 190 -13.02 -16.95 -17.37
N ASP A 191 -13.13 -15.69 -17.77
CA ASP A 191 -14.42 -15.11 -18.15
C ASP A 191 -15.08 -15.86 -19.29
N ARG A 192 -14.29 -16.21 -20.31
CA ARG A 192 -14.81 -16.94 -21.47
C ARG A 192 -15.39 -18.30 -21.10
N GLN A 193 -14.72 -19.01 -20.19
CA GLN A 193 -15.24 -20.29 -19.73
C GLN A 193 -16.45 -20.19 -18.79
N LEU A 194 -16.46 -19.16 -17.95
CA LEU A 194 -17.51 -18.98 -16.95
C LEU A 194 -18.75 -18.23 -17.49
N PHE A 195 -18.55 -17.28 -18.41
CA PHE A 195 -19.67 -16.47 -18.91
C PHE A 195 -19.81 -16.47 -20.44
N GLY A 196 -18.97 -17.23 -21.13
CA GLY A 196 -19.07 -17.39 -22.58
C GLY A 196 -18.65 -16.18 -23.39
CA GLY B 1 -5.85 -28.27 -27.14
C GLY B 1 -7.24 -28.02 -27.67
N HIS B 2 -8.19 -27.83 -26.74
CA HIS B 2 -9.54 -27.36 -27.05
C HIS B 2 -9.51 -26.03 -27.86
N MSE B 3 -10.22 -26.02 -29.00
CA MSE B 3 -10.02 -25.06 -30.07
C MSE B 3 -10.25 -23.60 -29.72
O MSE B 3 -9.43 -22.75 -30.07
CB MSE B 3 -10.90 -25.39 -31.29
CG MSE B 3 -10.17 -25.82 -32.55
SE MSE B 3 -8.27 -25.48 -32.68
CE MSE B 3 -7.64 -27.25 -32.10
N ASP B 4 -11.39 -23.32 -29.10
CA ASP B 4 -11.80 -21.95 -28.78
C ASP B 4 -10.77 -21.24 -27.92
N MSE B 5 -10.31 -21.91 -26.87
CA MSE B 5 -9.32 -21.36 -25.97
C MSE B 5 -7.99 -21.15 -26.64
O MSE B 5 -7.35 -20.12 -26.44
CB MSE B 5 -9.16 -22.26 -24.75
CG MSE B 5 -10.44 -22.37 -23.94
SE MSE B 5 -10.16 -23.41 -22.33
CE MSE B 5 -9.38 -21.99 -21.25
N GLN B 6 -7.59 -22.10 -27.46
CA GLN B 6 -6.36 -22.01 -28.24
C GLN B 6 -6.49 -20.88 -29.27
N HIS B 7 -7.68 -20.74 -29.85
CA HIS B 7 -8.00 -19.64 -30.76
C HIS B 7 -7.88 -18.30 -30.02
N ARG B 8 -8.44 -18.24 -28.82
CA ARG B 8 -8.46 -17.01 -28.04
C ARG B 8 -7.07 -16.59 -27.58
N ILE B 9 -6.32 -17.51 -26.97
CA ILE B 9 -4.93 -17.26 -26.56
C ILE B 9 -4.11 -16.68 -27.70
N ARG B 10 -4.12 -17.36 -28.85
N ARG B 10 -4.12 -17.36 -28.85
CA ARG B 10 -3.27 -16.99 -29.99
CA ARG B 10 -3.26 -17.00 -29.99
C ARG B 10 -3.68 -15.72 -30.70
C ARG B 10 -3.69 -15.75 -30.73
N GLN B 11 -4.98 -15.41 -30.64
CA GLN B 11 -5.52 -14.18 -31.20
C GLN B 11 -5.08 -12.97 -30.37
N LEU B 12 -5.01 -13.14 -29.04
CA LEU B 12 -4.54 -12.09 -28.11
C LEU B 12 -3.04 -11.85 -28.24
N PHE B 13 -2.26 -12.94 -28.32
CA PHE B 13 -0.85 -12.83 -28.62
C PHE B 13 -0.66 -12.01 -29.88
N GLN B 14 -1.41 -12.37 -30.94
CA GLN B 14 -1.26 -11.70 -32.25
C GLN B 14 -1.69 -10.24 -32.24
N ALA B 15 -2.73 -9.91 -31.48
CA ALA B 15 -3.22 -8.53 -31.33
C ALA B 15 -2.24 -7.64 -30.55
N SER B 16 -1.65 -8.21 -29.49
CA SER B 16 -0.55 -7.57 -28.78
C SER B 16 0.63 -7.29 -29.69
N ILE B 17 1.05 -8.30 -30.46
CA ILE B 17 2.17 -8.18 -31.41
C ILE B 17 1.88 -7.08 -32.44
N GLU B 18 0.68 -7.11 -33.01
CA GLU B 18 0.27 -6.17 -34.03
C GLU B 18 0.11 -4.75 -33.50
N THR B 19 -0.43 -4.60 -32.29
CA THR B 19 -0.47 -3.28 -31.62
C THR B 19 0.92 -2.69 -31.38
N LYS B 20 1.89 -3.54 -31.01
CA LYS B 20 3.26 -3.08 -30.80
C LYS B 20 3.91 -2.62 -32.10
N GLN B 21 3.64 -3.34 -33.20
CA GLN B 21 4.11 -2.97 -34.53
C GLN B 21 3.53 -1.65 -35.04
N GLN B 22 2.29 -1.36 -34.69
CA GLN B 22 1.67 -0.08 -35.01
C GLN B 22 2.27 1.03 -34.14
N ALA B 23 2.50 0.72 -32.86
CA ALA B 23 3.10 1.64 -31.90
C ALA B 23 4.51 2.01 -32.34
N LEU B 24 5.26 1.00 -32.78
CA LEU B 24 6.60 1.17 -33.34
C LEU B 24 6.65 2.21 -34.47
N GLU B 25 5.60 2.25 -35.28
CA GLU B 25 5.62 3.18 -36.41
C GLU B 25 5.31 4.62 -36.03
N VAL B 26 4.80 4.88 -34.83
CA VAL B 26 4.48 6.28 -34.45
C VAL B 26 5.01 6.80 -33.11
N LEU B 27 5.37 5.90 -32.19
CA LEU B 27 5.75 6.31 -30.83
C LEU B 27 7.20 6.72 -30.60
N PRO B 28 8.17 6.09 -31.30
CA PRO B 28 9.58 6.44 -31.01
C PRO B 28 9.94 7.95 -30.88
N PRO B 29 9.45 8.83 -31.78
CA PRO B 29 9.85 10.24 -31.60
C PRO B 29 9.46 10.80 -30.24
N TYR B 30 8.28 10.45 -29.77
CA TYR B 30 7.74 10.92 -28.50
C TYR B 30 8.41 10.23 -27.32
N ILE B 31 8.76 8.97 -27.48
CA ILE B 31 9.47 8.28 -26.41
C ILE B 31 10.86 8.93 -26.21
N GLU B 32 11.57 9.18 -27.31
CA GLU B 32 12.87 9.84 -27.24
C GLU B 32 12.73 11.20 -26.62
N GLN B 33 11.75 11.96 -27.11
CA GLN B 33 11.47 13.30 -26.63
C GLN B 33 11.17 13.31 -25.13
N ALA B 34 10.37 12.34 -24.68
CA ALA B 34 10.04 12.18 -23.25
C ALA B 34 11.28 11.93 -22.42
N SER B 35 12.15 11.03 -22.88
CA SER B 35 13.34 10.67 -22.12
C SER B 35 14.35 11.82 -22.05
N LEU B 36 14.28 12.72 -23.04
CA LEU B 36 15.14 13.91 -23.13
C LEU B 36 14.70 14.94 -22.08
N VAL B 37 13.40 15.19 -22.00
CA VAL B 37 12.84 16.05 -20.95
C VAL B 37 13.16 15.50 -19.56
N MSE B 38 13.08 14.18 -19.40
CA MSE B 38 13.41 13.56 -18.12
C MSE B 38 14.89 13.71 -17.78
O MSE B 38 15.22 14.10 -16.67
CB MSE B 38 12.95 12.11 -18.09
CG MSE B 38 11.45 12.01 -17.97
SE MSE B 38 10.69 10.24 -18.26
CE MSE B 38 9.12 10.33 -17.09
N VAL B 39 15.77 13.45 -18.75
CA VAL B 39 17.21 13.57 -18.54
C VAL B 39 17.62 15.03 -18.25
N ASN B 40 17.07 15.97 -19.02
CA ASN B 40 17.37 17.37 -18.80
C ASN B 40 16.96 17.80 -17.38
N ALA B 41 15.76 17.44 -16.95
CA ALA B 41 15.30 17.67 -15.57
C ALA B 41 16.27 17.12 -14.51
N LEU B 42 16.72 15.87 -14.66
CA LEU B 42 17.64 15.24 -13.70
C LEU B 42 19.03 15.90 -13.70
N LEU B 43 19.50 16.27 -14.88
CA LEU B 43 20.76 17.01 -15.01
C LEU B 43 20.73 18.33 -14.25
N ASN B 44 19.58 19.03 -14.28
CA ASN B 44 19.39 20.27 -13.51
C ASN B 44 18.95 20.03 -12.08
N GLU B 45 19.34 18.88 -11.53
CA GLU B 45 19.02 18.50 -10.14
C GLU B 45 17.50 18.43 -9.86
N GLY B 46 16.74 18.11 -10.92
CA GLY B 46 15.34 17.77 -10.80
C GLY B 46 15.03 16.38 -10.30
N LYS B 47 13.74 16.12 -10.14
CA LYS B 47 13.24 14.80 -9.81
C LYS B 47 12.03 14.51 -10.69
N ILE B 48 11.66 13.23 -10.76
CA ILE B 48 10.50 12.77 -11.50
C ILE B 48 9.46 12.24 -10.53
N LEU B 49 8.23 12.72 -10.64
CA LEU B 49 7.11 12.12 -9.92
C LEU B 49 6.23 11.27 -10.88
N SER B 50 5.74 10.14 -10.39
CA SER B 50 4.90 9.34 -11.26
C SER B 50 3.57 9.00 -10.60
N CYS B 51 2.53 8.89 -11.40
CA CYS B 51 1.22 8.52 -10.90
C CYS B 51 0.41 7.85 -12.00
N GLY B 52 -0.59 7.08 -11.59
CA GLY B 52 -1.48 6.36 -12.50
C GLY B 52 -2.63 5.78 -11.73
N ASN B 53 -3.74 5.49 -12.40
CA ASN B 53 -4.90 4.86 -11.75
C ASN B 53 -5.13 3.42 -12.20
N GLY B 54 -5.77 2.65 -11.31
CA GLY B 54 -6.09 1.26 -11.58
C GLY B 54 -4.86 0.49 -12.03
N GLY B 55 -4.95 -0.10 -13.22
CA GLY B 55 -3.85 -0.88 -13.81
C GLY B 55 -2.62 -0.07 -14.19
N SER B 56 -2.77 1.25 -14.31
CA SER B 56 -1.65 2.13 -14.63
C SER B 56 -0.80 2.45 -13.39
N ALA B 57 -1.40 2.37 -12.21
CA ALA B 57 -0.70 2.68 -10.95
C ALA B 57 0.54 1.82 -10.76
N GLY B 58 0.43 0.54 -11.12
CA GLY B 58 1.55 -0.39 -11.04
C GLY B 58 2.71 0.10 -11.89
N ASP B 59 2.41 0.49 -13.13
CA ASP B 59 3.39 1.03 -14.08
C ASP B 59 4.14 2.22 -13.53
N ALA B 60 3.37 3.15 -12.95
CA ALA B 60 3.88 4.33 -12.27
C ALA B 60 4.88 3.96 -11.20
N GLN B 61 4.53 2.99 -10.35
CA GLN B 61 5.39 2.59 -9.25
C GLN B 61 6.57 1.74 -9.71
N HIS B 62 6.35 0.90 -10.72
CA HIS B 62 7.40 0.13 -11.40
C HIS B 62 8.52 1.03 -11.98
N PHE B 63 8.12 2.02 -12.77
CA PHE B 63 9.07 2.99 -13.31
C PHE B 63 9.93 3.60 -12.22
N SER B 64 9.31 4.19 -11.20
CA SER B 64 10.08 4.98 -10.27
C SER B 64 10.84 4.13 -9.24
N SER B 65 10.32 2.95 -8.92
CA SER B 65 11.00 2.06 -7.99
C SER B 65 12.26 1.40 -8.56
N GLU B 66 12.22 1.00 -9.84
CA GLU B 66 13.42 0.51 -10.53
C GLU B 66 14.50 1.60 -10.57
N LEU B 67 14.16 2.76 -11.14
CA LEU B 67 15.08 3.90 -11.20
C LEU B 67 15.70 4.34 -9.86
N LEU B 68 14.91 4.31 -8.79
CA LEU B 68 15.33 4.79 -7.46
C LEU B 68 16.03 3.71 -6.63
N ASN B 69 15.48 2.50 -6.60
CA ASN B 69 15.96 1.45 -5.72
C ASN B 69 17.10 0.64 -6.32
N ARG B 70 17.01 0.36 -7.62
CA ARG B 70 18.07 -0.33 -8.33
C ARG B 70 18.34 -1.76 -7.80
N PHE B 71 17.27 -2.47 -7.43
CA PHE B 71 17.36 -3.90 -7.19
C PHE B 71 17.90 -4.62 -8.44
N GLU B 72 17.03 -4.74 -9.45
CA GLU B 72 17.32 -5.39 -10.74
C GLU B 72 18.68 -5.06 -11.41
N ARG B 73 19.24 -3.88 -11.12
CA ARG B 73 20.43 -3.41 -11.85
C ARG B 73 21.32 -2.49 -11.00
N GLU B 74 22.61 -2.81 -10.92
CA GLU B 74 23.56 -2.00 -10.14
C GLU B 74 24.08 -0.78 -10.90
N ARG B 75 23.29 0.29 -10.87
CA ARG B 75 23.76 1.62 -11.30
C ARG B 75 23.20 2.72 -10.39
N PRO B 76 23.67 3.97 -10.55
CA PRO B 76 23.28 4.98 -9.58
C PRO B 76 21.77 5.16 -9.44
N SER B 77 21.34 5.45 -8.22
CA SER B 77 19.97 5.77 -7.85
C SER B 77 19.60 7.08 -8.52
N LEU B 78 18.38 7.17 -9.06
CA LEU B 78 17.85 8.41 -9.65
C LEU B 78 16.63 8.86 -8.88
N PRO B 79 16.43 10.18 -8.69
CA PRO B 79 15.30 10.71 -7.91
C PRO B 79 13.99 10.58 -8.69
N ALA B 80 13.41 9.39 -8.64
CA ALA B 80 12.13 9.10 -9.26
C ALA B 80 11.24 8.56 -8.16
N VAL B 81 10.09 9.18 -7.91
CA VAL B 81 9.19 8.73 -6.85
C VAL B 81 7.74 8.55 -7.35
N ALA B 82 7.15 7.40 -7.04
CA ALA B 82 5.74 7.17 -7.29
C ALA B 82 4.84 7.88 -6.27
N LEU B 83 3.74 8.44 -6.74
CA LEU B 83 2.77 9.09 -5.88
C LEU B 83 1.82 8.08 -5.31
N THR B 84 1.51 8.24 -4.03
CA THR B 84 0.79 7.21 -3.30
C THR B 84 -0.72 7.42 -3.38
N THR B 85 -1.46 6.50 -2.76
CA THR B 85 -2.91 6.62 -2.63
C THR B 85 -3.36 6.39 -1.19
N ASP B 86 -2.98 5.23 -0.63
CA ASP B 86 -3.43 4.81 0.69
C ASP B 86 -2.65 5.55 1.80
N SER B 88 -5.66 5.96 5.26
CA SER B 88 -6.62 6.07 4.15
C SER B 88 -7.50 7.30 4.29
N SER B 98 -13.50 15.55 -1.76
CA SER B 98 -13.43 14.44 -2.71
C SER B 98 -12.04 13.77 -2.75
N TYR B 99 -12.00 12.51 -3.19
CA TYR B 99 -10.75 11.75 -3.28
C TYR B 99 -10.05 11.89 -4.64
N ASN B 100 -10.52 12.81 -5.49
CA ASN B 100 -9.88 13.08 -6.78
C ASN B 100 -8.65 14.00 -6.66
N GLU B 101 -8.34 14.38 -5.44
CA GLU B 101 -7.27 15.34 -5.19
C GLU B 101 -6.06 14.67 -4.54
N VAL B 102 -6.06 13.34 -4.46
CA VAL B 102 -4.98 12.61 -3.80
C VAL B 102 -3.63 12.79 -4.45
N PHE B 103 -3.60 12.88 -5.77
CA PHE B 103 -2.34 13.09 -6.47
C PHE B 103 -1.95 14.55 -6.37
N SER B 104 -2.83 15.44 -6.78
CA SER B 104 -2.51 16.87 -6.82
C SER B 104 -2.05 17.46 -5.49
N LYS B 105 -2.57 16.93 -4.39
CA LYS B 105 -2.16 17.37 -3.04
C LYS B 105 -0.70 17.08 -2.78
N GLN B 106 -0.22 15.94 -3.27
CA GLN B 106 1.17 15.51 -3.11
C GLN B 106 2.10 16.28 -4.03
N ILE B 107 1.65 16.49 -5.27
CA ILE B 107 2.38 17.28 -6.25
C ILE B 107 2.59 18.71 -5.75
N ARG B 108 1.57 19.31 -5.16
CA ARG B 108 1.73 20.66 -4.58
C ARG B 108 2.70 20.67 -3.37
N ALA B 109 2.76 19.56 -2.62
CA ALA B 109 3.67 19.48 -1.49
C ALA B 109 5.11 19.19 -1.94
N LEU B 110 5.24 18.32 -2.97
CA LEU B 110 6.56 17.80 -3.35
C LEU B 110 7.18 18.41 -4.60
N GLY B 111 6.33 18.92 -5.50
CA GLY B 111 6.78 19.39 -6.80
C GLY B 111 7.60 20.66 -6.72
N GLN B 112 8.59 20.79 -7.60
CA GLN B 112 9.38 22.01 -7.74
C GLN B 112 9.47 22.47 -9.20
N PRO B 113 9.64 23.78 -9.44
CA PRO B 113 9.82 24.17 -10.85
C PRO B 113 10.92 23.36 -11.52
N GLY B 114 10.62 22.85 -12.71
CA GLY B 114 11.56 22.03 -13.46
C GLY B 114 11.39 20.53 -13.32
N ASP B 115 10.77 20.06 -12.23
CA ASP B 115 10.52 18.62 -12.03
C ASP B 115 9.62 18.07 -13.14
N VAL B 116 9.52 16.75 -13.27
CA VAL B 116 8.66 16.13 -14.28
C VAL B 116 7.60 15.23 -13.65
N LEU B 117 6.35 15.39 -14.09
CA LEU B 117 5.30 14.42 -13.81
C LEU B 117 5.14 13.41 -14.97
N LEU B 118 5.46 12.14 -14.74
CA LEU B 118 5.01 11.03 -15.61
C LEU B 118 3.59 10.61 -15.20
N ALA B 119 2.61 10.87 -16.06
CA ALA B 119 1.20 10.64 -15.80
C ALA B 119 0.72 9.52 -16.71
N ILE B 120 0.15 8.49 -16.11
CA ILE B 120 -0.30 7.30 -16.85
C ILE B 120 -1.80 7.08 -16.69
N SER B 121 -2.46 6.96 -17.83
CA SER B 121 -3.87 6.63 -17.89
C SER B 121 -4.14 6.03 -19.27
N THR B 122 -4.96 5.00 -19.32
CA THR B 122 -5.28 4.37 -20.59
C THR B 122 -6.33 5.18 -21.37
N SER B 123 -7.33 5.70 -20.67
CA SER B 123 -8.38 6.47 -21.36
C SER B 123 -8.06 7.95 -21.41
N GLY B 124 -7.47 8.46 -20.32
CA GLY B 124 -7.11 9.87 -20.20
C GLY B 124 -8.16 10.70 -19.48
N ASN B 125 -9.21 10.05 -18.98
CA ASN B 125 -10.32 10.79 -18.36
C ASN B 125 -10.40 10.71 -16.83
N SER B 126 -9.48 10.00 -16.18
CA SER B 126 -9.53 9.89 -14.72
C SER B 126 -9.26 11.23 -14.10
N ALA B 127 -10.18 11.65 -13.24
CA ALA B 127 -10.20 13.01 -12.68
C ALA B 127 -8.97 13.32 -11.82
N ASN B 128 -8.46 12.32 -11.11
CA ASN B 128 -7.31 12.55 -10.25
C ASN B 128 -5.99 12.78 -10.99
N VAL B 129 -5.82 12.12 -12.14
CA VAL B 129 -4.68 12.38 -13.03
C VAL B 129 -4.84 13.70 -13.82
N ILE B 130 -6.06 14.00 -14.28
CA ILE B 130 -6.36 15.32 -14.85
C ILE B 130 -5.94 16.41 -13.85
N GLN B 131 -6.39 16.30 -12.60
CA GLN B 131 -5.99 17.22 -11.53
C GLN B 131 -4.47 17.19 -11.20
N ALA B 132 -3.86 16.01 -11.31
CA ALA B 132 -2.41 15.89 -11.19
C ALA B 132 -1.69 16.75 -12.22
N ILE B 133 -2.09 16.63 -13.49
CA ILE B 133 -1.56 17.51 -14.54
C ILE B 133 -1.66 19.02 -14.20
N GLN B 134 -2.85 19.47 -13.80
N GLN B 134 -2.84 19.46 -13.77
CA GLN B 134 -3.02 20.86 -13.40
CA GLN B 134 -3.06 20.86 -13.39
C GLN B 134 -2.01 21.23 -12.31
C GLN B 134 -2.14 21.29 -12.25
N ALA B 135 -2.01 20.45 -11.22
CA ALA B 135 -1.08 20.68 -10.13
C ALA B 135 0.36 20.77 -10.62
N ALA B 136 0.80 19.83 -11.47
CA ALA B 136 2.14 19.92 -12.06
C ALA B 136 2.37 21.23 -12.82
N HIS B 137 1.38 21.66 -13.60
CA HIS B 137 1.47 22.93 -14.33
C HIS B 137 1.59 24.12 -13.40
N ASP B 138 0.84 24.11 -12.31
CA ASP B 138 0.90 25.18 -11.29
C ASP B 138 2.24 25.26 -10.55
N ARG B 139 2.99 24.16 -10.56
CA ARG B 139 4.31 24.09 -9.91
C ARG B 139 5.44 24.33 -10.91
N GLU B 140 5.09 24.65 -12.16
CA GLU B 140 6.05 24.85 -13.25
C GLU B 140 6.86 23.57 -13.56
N MSE B 141 6.14 22.46 -13.57
CA MSE B 141 6.69 21.17 -13.92
C MSE B 141 6.26 20.82 -15.32
O MSE B 141 5.24 21.32 -15.81
CB MSE B 141 6.18 20.11 -12.95
CG MSE B 141 6.72 20.21 -11.54
SE MSE B 141 5.74 19.01 -10.33
CE MSE B 141 5.97 17.26 -11.22
N LEU B 142 7.05 19.96 -15.95
CA LEU B 142 6.76 19.42 -17.28
C LEU B 142 6.07 18.08 -17.11
N VAL B 143 5.31 17.65 -18.13
CA VAL B 143 4.49 16.43 -18.02
C VAL B 143 4.79 15.46 -19.16
N VAL B 144 5.07 14.22 -18.81
CA VAL B 144 5.08 13.15 -19.79
C VAL B 144 3.83 12.30 -19.54
N ALA B 145 2.96 12.26 -20.54
CA ALA B 145 1.67 11.59 -20.39
C ALA B 145 1.65 10.32 -21.22
N LEU B 146 1.55 9.16 -20.57
CA LEU B 146 1.28 7.91 -21.28
C LEU B 146 -0.21 7.72 -21.34
N THR B 147 -0.74 7.68 -22.56
CA THR B 147 -2.17 7.60 -22.79
C THR B 147 -2.48 6.62 -23.90
N GLY B 148 -3.78 6.49 -24.19
CA GLY B 148 -4.27 5.71 -25.30
C GLY B 148 -5.54 6.31 -25.82
N ARG B 149 -6.21 5.57 -26.71
CA ARG B 149 -7.44 6.03 -27.33
C ARG B 149 -7.25 7.41 -27.98
N ASP B 150 -8.08 8.36 -27.58
CA ASP B 150 -8.00 9.72 -28.09
C ASP B 150 -7.23 10.66 -27.15
N GLY B 151 -6.76 10.11 -26.03
CA GLY B 151 -5.96 10.85 -25.07
C GLY B 151 -6.77 11.46 -23.95
N GLY B 152 -8.10 11.57 -24.17
CA GLY B 152 -9.04 12.05 -23.16
C GLY B 152 -8.82 13.47 -22.72
N GLY B 153 -9.38 13.83 -21.56
CA GLY B 153 -9.23 15.17 -21.02
C GLY B 153 -7.80 15.54 -20.69
N MSE B 154 -7.01 14.54 -20.33
CA MSE B 154 -5.59 14.73 -20.00
C MSE B 154 -4.85 15.36 -21.14
O MSE B 154 -4.14 16.36 -20.95
CB MSE B 154 -4.95 13.40 -19.68
CG MSE B 154 -5.16 12.94 -18.27
SE MSE B 154 -4.23 11.24 -18.02
CE MSE B 154 -2.52 11.66 -18.87
N ALA B 155 -5.00 14.78 -22.32
CA ALA B 155 -4.38 15.27 -23.53
C ALA B 155 -4.77 16.71 -23.81
N SER B 156 -5.98 17.10 -23.42
CA SER B 156 -6.46 18.44 -23.73
C SER B 156 -5.72 19.49 -22.91
N LEU B 157 -5.15 19.06 -21.78
CA LEU B 157 -4.52 19.96 -20.83
C LEU B 157 -3.03 20.20 -21.10
N LEU B 158 -2.43 19.37 -21.95
CA LEU B 158 -0.99 19.42 -22.19
C LEU B 158 -0.51 20.69 -22.89
N LEU B 159 0.38 21.42 -22.21
CA LEU B 159 1.02 22.59 -22.75
C LEU B 159 2.14 22.14 -23.71
N PRO B 160 2.63 23.04 -24.59
CA PRO B 160 3.58 22.63 -25.65
C PRO B 160 4.95 22.11 -25.21
N GLU B 161 5.39 22.40 -23.98
CA GLU B 161 6.64 21.82 -23.50
C GLU B 161 6.43 20.37 -22.99
N ASP B 162 5.16 19.99 -22.81
CA ASP B 162 4.82 18.63 -22.42
C ASP B 162 4.97 17.65 -23.61
N VAL B 163 5.02 16.36 -23.30
CA VAL B 163 5.12 15.31 -24.31
C VAL B 163 4.01 14.32 -24.03
N GLU B 164 3.27 13.91 -25.08
CA GLU B 164 2.29 12.87 -24.98
C GLU B 164 2.74 11.65 -25.76
N ILE B 165 2.56 10.49 -25.15
CA ILE B 165 2.83 9.21 -25.78
C ILE B 165 1.50 8.49 -25.81
N ARG B 166 0.80 8.65 -26.94
CA ARG B 166 -0.51 8.09 -27.12
C ARG B 166 -0.40 6.77 -27.86
N VAL B 167 -0.69 5.67 -27.16
CA VAL B 167 -0.72 4.35 -27.78
C VAL B 167 -1.85 4.25 -28.81
N PRO B 168 -1.52 3.86 -30.06
CA PRO B 168 -2.55 3.75 -31.11
C PRO B 168 -3.43 2.49 -30.96
N SER B 169 -4.25 2.48 -29.90
CA SER B 169 -5.28 1.48 -29.66
C SER B 169 -6.41 2.03 -28.81
N LYS B 170 -7.57 1.37 -28.87
CA LYS B 170 -8.73 1.70 -28.03
C LYS B 170 -8.99 0.62 -26.99
N ILE B 171 -8.16 -0.42 -27.01
CA ILE B 171 -8.36 -1.58 -26.13
C ILE B 171 -7.45 -1.49 -24.92
N THR B 172 -8.08 -1.38 -23.77
CA THR B 172 -7.41 -1.22 -22.49
C THR B 172 -6.23 -2.18 -22.37
N ALA B 173 -6.47 -3.48 -22.42
CA ALA B 173 -5.37 -4.46 -22.26
C ALA B 173 -4.22 -4.22 -23.23
N ARG B 174 -4.55 -3.85 -24.46
CA ARG B 174 -3.51 -3.59 -25.45
C ARG B 174 -2.71 -2.34 -25.09
N ILE B 175 -3.40 -1.30 -24.61
CA ILE B 175 -2.75 -0.06 -24.16
C ILE B 175 -1.84 -0.30 -22.94
N GLN B 176 -2.33 -1.09 -21.99
CA GLN B 176 -1.52 -1.48 -20.84
C GLN B 176 -0.24 -2.17 -21.23
N GLU B 177 -0.29 -3.05 -22.23
CA GLU B 177 0.92 -3.78 -22.64
C GLU B 177 1.93 -2.85 -23.29
N VAL B 178 1.45 -1.88 -24.06
CA VAL B 178 2.36 -0.99 -24.74
C VAL B 178 2.95 0.00 -23.73
N HIS B 179 2.11 0.52 -22.84
CA HIS B 179 2.59 1.31 -21.71
C HIS B 179 3.78 0.68 -20.98
N LEU B 180 3.74 -0.63 -20.77
CA LEU B 180 4.81 -1.31 -20.02
C LEU B 180 6.09 -1.28 -20.83
N LEU B 181 5.98 -1.52 -22.13
CA LEU B 181 7.06 -1.35 -23.07
C LEU B 181 7.62 0.08 -23.13
N ALA B 182 6.74 1.07 -23.24
CA ALA B 182 7.14 2.49 -23.26
C ALA B 182 7.98 2.80 -22.05
N ILE B 183 7.56 2.28 -20.90
CA ILE B 183 8.22 2.57 -19.61
C ILE B 183 9.62 1.95 -19.53
N HIS B 184 9.74 0.73 -20.07
CA HIS B 184 11.02 0.06 -20.22
C HIS B 184 11.98 0.75 -21.19
N CYS B 185 11.46 1.41 -22.23
CA CYS B 185 12.28 2.21 -23.15
C CYS B 185 12.77 3.52 -22.53
N LEU B 186 11.88 4.24 -21.86
CA LEU B 186 12.21 5.46 -21.12
C LEU B 186 13.35 5.24 -20.13
N CYS B 187 13.27 4.18 -19.33
CA CYS B 187 14.32 3.87 -18.35
C CYS B 187 15.62 3.52 -19.05
N ASP B 188 15.55 2.64 -20.04
CA ASP B 188 16.70 2.31 -20.89
C ASP B 188 17.33 3.59 -21.46
N LEU B 189 16.51 4.46 -22.06
CA LEU B 189 17.00 5.72 -22.63
C LEU B 189 17.59 6.68 -21.59
N ILE B 190 17.02 6.72 -20.39
CA ILE B 190 17.56 7.54 -19.31
C ILE B 190 18.93 7.02 -18.88
N ASP B 191 19.02 5.71 -18.66
CA ASP B 191 20.28 5.10 -18.29
C ASP B 191 21.36 5.20 -19.38
N ARG B 192 20.99 4.97 -20.63
CA ARG B 192 21.89 5.19 -21.76
C ARG B 192 22.50 6.59 -21.77
N GLN B 193 21.67 7.62 -21.65
CA GLN B 193 22.10 9.01 -21.78
C GLN B 193 22.95 9.48 -20.59
N LEU B 194 22.62 8.97 -19.40
CA LEU B 194 23.32 9.38 -18.19
C LEU B 194 24.54 8.52 -17.87
N PHE B 195 24.44 7.22 -18.08
CA PHE B 195 25.47 6.29 -17.60
C PHE B 195 26.14 5.44 -18.68
N GLY B 196 25.80 5.70 -19.94
CA GLY B 196 26.54 5.10 -21.05
C GLY B 196 25.87 3.94 -21.76
N SER B 197 25.80 4.06 -23.08
CA SER B 197 25.17 3.11 -24.01
C SER B 197 25.74 1.68 -24.00
N MSE C 3 -13.65 -12.29 35.92
CA MSE C 3 -12.92 -11.65 37.08
C MSE C 3 -11.50 -11.24 36.73
O MSE C 3 -11.11 -10.09 36.91
CB MSE C 3 -12.93 -12.58 38.31
CG MSE C 3 -14.12 -12.38 39.26
SE MSE C 3 -14.04 -10.76 40.36
CE MSE C 3 -15.17 -9.60 39.27
N ASP C 4 -10.72 -12.21 36.24
CA ASP C 4 -9.34 -11.95 35.79
C ASP C 4 -9.30 -11.03 34.56
N MSE C 5 -10.22 -11.26 33.63
CA MSE C 5 -10.25 -10.50 32.39
C MSE C 5 -10.61 -9.05 32.61
O MSE C 5 -9.93 -8.17 32.07
CB MSE C 5 -11.18 -11.18 31.38
CG MSE C 5 -10.60 -12.46 30.86
SE MSE C 5 -11.68 -13.20 29.43
CE MSE C 5 -13.28 -13.78 30.44
N GLN C 6 -11.65 -8.80 33.41
CA GLN C 6 -12.01 -7.43 33.80
C GLN C 6 -10.88 -6.77 34.60
N HIS C 7 -10.15 -7.57 35.36
CA HIS C 7 -9.03 -7.06 36.13
C HIS C 7 -7.88 -6.64 35.22
N ARG C 8 -7.52 -7.52 34.29
CA ARG C 8 -6.51 -7.28 33.27
C ARG C 8 -6.83 -6.06 32.39
N ILE C 9 -8.10 -5.91 32.01
CA ILE C 9 -8.55 -4.74 31.26
C ILE C 9 -8.31 -3.46 32.06
N ARG C 10 -8.80 -3.42 33.30
N ARG C 10 -8.81 -3.40 33.30
CA ARG C 10 -8.62 -2.27 34.19
CA ARG C 10 -8.61 -2.24 34.18
C ARG C 10 -7.14 -1.97 34.33
C ARG C 10 -7.12 -1.96 34.31
N GLN C 11 -6.36 -3.04 34.46
CA GLN C 11 -4.92 -2.98 34.57
C GLN C 11 -4.25 -2.29 33.37
N LEU C 12 -4.69 -2.62 32.16
CA LEU C 12 -4.10 -2.08 30.93
C LEU C 12 -4.55 -0.65 30.72
N PHE C 13 -5.82 -0.39 30.99
CA PHE C 13 -6.30 0.98 31.04
C PHE C 13 -5.50 1.84 32.02
N GLN C 14 -5.20 1.33 33.22
CA GLN C 14 -4.55 2.16 34.23
C GLN C 14 -3.05 2.36 33.95
N ALA C 15 -2.41 1.35 33.36
CA ALA C 15 -1.03 1.47 32.89
C ALA C 15 -0.89 2.52 31.77
N SER C 16 -1.88 2.53 30.86
CA SER C 16 -1.93 3.48 29.75
C SER C 16 -2.08 4.89 30.29
N ILE C 17 -2.96 5.05 31.28
CA ILE C 17 -3.21 6.34 31.95
C ILE C 17 -2.02 6.82 32.80
N GLU C 18 -1.39 5.90 33.55
CA GLU C 18 -0.23 6.23 34.38
C GLU C 18 0.96 6.65 33.53
N THR C 19 1.21 5.92 32.43
CA THR C 19 2.27 6.27 31.48
C THR C 19 2.06 7.68 30.89
N LYS C 20 0.82 8.07 30.64
CA LYS C 20 0.53 9.40 30.10
C LYS C 20 0.74 10.51 31.11
N GLN C 21 0.51 10.20 32.39
CA GLN C 21 0.73 11.16 33.46
C GLN C 21 2.22 11.40 33.70
N GLN C 22 3.02 10.34 33.57
CA GLN C 22 4.47 10.43 33.61
C GLN C 22 4.96 11.27 32.44
N ALA C 23 4.44 10.95 31.25
CA ALA C 23 4.80 11.64 30.01
C ALA C 23 4.44 13.11 30.09
N LEU C 24 3.27 13.40 30.65
CA LEU C 24 2.88 14.77 30.95
C LEU C 24 3.96 15.56 31.72
N GLU C 25 4.65 14.92 32.66
CA GLU C 25 5.66 15.66 33.45
C GLU C 25 6.92 16.03 32.65
N VAL C 26 7.28 15.25 31.62
CA VAL C 26 8.59 15.42 30.94
C VAL C 26 8.57 15.83 29.48
N LEU C 27 7.46 15.58 28.78
CA LEU C 27 7.38 15.75 27.30
C LEU C 27 6.94 17.12 26.80
N PRO C 28 6.03 17.81 27.52
CA PRO C 28 5.61 19.08 26.94
C PRO C 28 6.71 20.01 26.41
N PRO C 29 7.82 20.26 27.14
CA PRO C 29 8.82 21.17 26.51
C PRO C 29 9.34 20.67 25.15
N TYR C 30 9.48 19.35 25.00
CA TYR C 30 9.95 18.75 23.75
C TYR C 30 8.89 18.75 22.63
N ILE C 31 7.63 18.52 22.97
CA ILE C 31 6.55 18.66 21.99
C ILE C 31 6.42 20.10 21.47
N GLU C 32 6.58 21.08 22.37
CA GLU C 32 6.59 22.49 22.00
C GLU C 32 7.76 22.84 21.06
N GLN C 33 8.96 22.38 21.39
CA GLN C 33 10.10 22.67 20.53
C GLN C 33 9.94 22.05 19.12
N ALA C 34 9.46 20.81 19.07
CA ALA C 34 9.24 20.10 17.79
C ALA C 34 8.23 20.82 16.90
N SER C 35 7.07 21.15 17.46
CA SER C 35 6.03 21.84 16.71
C SER C 35 6.54 23.19 16.20
N LEU C 36 7.35 23.86 17.01
CA LEU C 36 8.00 25.12 16.60
C LEU C 36 8.98 24.94 15.45
N VAL C 37 9.84 23.92 15.55
CA VAL C 37 10.74 23.53 14.45
C VAL C 37 9.96 23.23 13.18
N MSE C 38 8.76 22.67 13.34
CA MSE C 38 7.94 22.32 12.21
C MSE C 38 7.24 23.55 11.61
O MSE C 38 7.26 23.75 10.41
CB MSE C 38 6.94 21.23 12.59
CG MSE C 38 7.59 19.87 12.74
SE MSE C 38 6.47 18.53 13.62
CE MSE C 38 7.18 16.97 12.69
N VAL C 39 6.64 24.36 12.48
CA VAL C 39 6.00 25.61 12.07
C VAL C 39 6.98 26.54 11.31
N ASN C 40 8.21 26.68 11.82
CA ASN C 40 9.24 27.49 11.15
C ASN C 40 9.59 26.95 9.77
N ALA C 41 9.56 25.64 9.61
CA ALA C 41 9.93 25.05 8.33
C ALA C 41 8.85 25.30 7.28
N LEU C 42 7.59 25.13 7.69
CA LEU C 42 6.45 25.37 6.81
C LEU C 42 6.41 26.83 6.37
N LEU C 43 6.55 27.74 7.35
CA LEU C 43 6.63 29.18 7.12
C LEU C 43 7.71 29.59 6.12
N ASN C 44 8.78 28.81 6.05
CA ASN C 44 9.84 29.08 5.09
C ASN C 44 9.68 28.27 3.80
N GLU C 45 8.45 27.81 3.58
CA GLU C 45 8.02 27.00 2.42
C GLU C 45 8.76 25.67 2.26
N GLY C 46 9.05 25.05 3.40
CA GLY C 46 9.61 23.71 3.45
C GLY C 46 8.47 22.74 3.71
N LYS C 47 8.80 21.45 3.75
CA LYS C 47 7.80 20.42 3.99
C LYS C 47 8.24 19.54 5.16
N ILE C 48 7.35 18.65 5.57
CA ILE C 48 7.68 17.66 6.56
C ILE C 48 7.56 16.29 5.89
N LEU C 49 8.62 15.50 6.00
CA LEU C 49 8.56 14.10 5.60
C LEU C 49 8.54 13.25 6.84
N SER C 50 7.62 12.28 6.92
CA SER C 50 7.55 11.39 8.09
C SER C 50 7.75 9.91 7.76
N CYS C 51 8.27 9.15 8.71
CA CYS C 51 8.47 7.69 8.55
C CYS C 51 8.53 6.90 9.87
N GLY C 52 8.30 5.61 9.78
CA GLY C 52 8.32 4.75 10.96
C GLY C 52 8.14 3.31 10.54
N ASN C 53 8.54 2.40 11.42
CA ASN C 53 8.44 0.97 11.14
C ASN C 53 7.31 0.29 11.89
N GLY C 54 6.57 -0.55 11.17
CA GLY C 54 5.50 -1.37 11.76
C GLY C 54 4.39 -0.52 12.33
N GLY C 55 4.11 -0.75 13.62
CA GLY C 55 3.07 0.01 14.33
C GLY C 55 3.40 1.47 14.52
N SER C 56 4.44 1.95 13.84
CA SER C 56 4.82 3.36 13.80
C SER C 56 4.58 3.94 12.40
N ALA C 57 4.52 3.05 11.41
CA ALA C 57 4.21 3.44 10.02
C ALA C 57 2.86 4.12 9.90
N GLY C 58 1.87 3.59 10.61
CA GLY C 58 0.52 4.17 10.66
C GLY C 58 0.53 5.55 11.27
N ASP C 59 1.42 5.75 12.25
CA ASP C 59 1.59 7.04 12.92
C ASP C 59 2.16 8.11 11.99
N ALA C 60 3.11 7.70 11.15
CA ALA C 60 3.70 8.60 10.17
C ALA C 60 2.65 9.04 9.16
N GLN C 61 1.76 8.14 8.79
CA GLN C 61 0.79 8.48 7.76
C GLN C 61 -0.43 9.14 8.33
N HIS C 62 -0.79 8.79 9.57
CA HIS C 62 -1.83 9.49 10.31
C HIS C 62 -1.45 10.96 10.43
N PHE C 63 -0.24 11.25 10.92
CA PHE C 63 0.25 12.63 11.01
C PHE C 63 0.14 13.38 9.69
N SER C 64 0.62 12.75 8.62
CA SER C 64 0.71 13.40 7.32
C SER C 64 -0.63 13.59 6.63
N SER C 65 -1.47 12.55 6.63
CA SER C 65 -2.76 12.64 5.93
C SER C 65 -3.68 13.71 6.57
N GLU C 66 -3.83 13.65 7.90
CA GLU C 66 -4.48 14.71 8.68
C GLU C 66 -4.20 16.06 8.06
N LEU C 67 -2.91 16.35 7.92
CA LEU C 67 -2.42 17.66 7.57
C LEU C 67 -2.47 18.00 6.08
N LEU C 68 -2.11 17.03 5.23
CA LEU C 68 -2.09 17.20 3.78
C LEU C 68 -3.50 17.28 3.22
N ASN C 69 -4.34 16.32 3.63
CA ASN C 69 -5.68 16.13 3.09
C ASN C 69 -6.70 16.82 3.97
N ARG C 70 -7.24 17.92 3.49
CA ARG C 70 -8.10 18.76 4.32
C ARG C 70 -9.51 18.91 3.72
N GLU C 74 -11.53 23.81 7.81
CA GLU C 74 -11.12 23.85 6.42
C GLU C 74 -9.84 24.69 6.23
N ARG C 75 -8.88 24.46 7.12
CA ARG C 75 -7.57 25.11 7.06
C ARG C 75 -6.75 24.68 5.83
N PRO C 76 -5.72 25.48 5.46
CA PRO C 76 -4.95 25.16 4.25
C PRO C 76 -4.24 23.81 4.35
N SER C 77 -4.08 23.13 3.21
CA SER C 77 -3.31 21.90 3.14
C SER C 77 -1.89 22.20 3.57
N LEU C 78 -1.38 21.47 4.56
CA LEU C 78 0.03 21.58 4.91
C LEU C 78 0.82 20.44 4.23
N PRO C 79 1.95 20.80 3.57
CA PRO C 79 2.80 19.85 2.84
C PRO C 79 3.51 18.86 3.79
N ALA C 80 2.79 17.81 4.15
CA ALA C 80 3.31 16.75 5.02
C ALA C 80 3.05 15.41 4.31
N VAL C 81 4.12 14.67 4.06
CA VAL C 81 4.02 13.44 3.29
C VAL C 81 4.66 12.26 4.05
N ALA C 82 3.94 11.17 4.21
CA ALA C 82 4.56 9.94 4.72
C ALA C 82 5.33 9.27 3.59
N LEU C 83 6.47 8.71 3.95
CA LEU C 83 7.22 7.83 3.08
C LEU C 83 6.65 6.44 3.25
N THR C 84 6.36 5.77 2.13
CA THR C 84 5.67 4.49 2.18
C THR C 84 5.95 3.65 0.94
N THR C 85 5.29 2.48 0.90
CA THR C 85 4.95 1.71 -0.31
C THR C 85 6.05 0.85 -0.93
N TYR C 99 18.57 -4.47 3.51
CA TYR C 99 18.18 -3.23 2.82
C TYR C 99 17.45 -2.23 3.73
N ASN C 100 18.23 -1.34 4.33
CA ASN C 100 17.71 -0.36 5.26
C ASN C 100 17.59 1.01 4.59
N GLU C 101 17.55 1.02 3.26
CA GLU C 101 17.61 2.25 2.48
C GLU C 101 16.25 2.76 1.96
N VAL C 102 15.16 2.06 2.30
CA VAL C 102 13.82 2.43 1.77
C VAL C 102 13.44 3.88 2.04
N PHE C 103 13.64 4.35 3.27
CA PHE C 103 13.35 5.74 3.62
C PHE C 103 14.44 6.65 3.14
N SER C 104 15.68 6.31 3.45
CA SER C 104 16.82 7.15 3.12
C SER C 104 16.84 7.59 1.65
N LYS C 105 16.52 6.67 0.76
CA LYS C 105 16.52 6.98 -0.67
C LYS C 105 15.44 7.99 -1.04
N GLN C 106 14.25 7.86 -0.46
CA GLN C 106 13.16 8.80 -0.70
C GLN C 106 13.48 10.20 -0.18
N ILE C 107 14.13 10.24 1.00
CA ILE C 107 14.57 11.49 1.63
C ILE C 107 15.61 12.21 0.76
N ARG C 108 16.53 11.46 0.18
CA ARG C 108 17.49 12.04 -0.77
C ARG C 108 16.81 12.52 -2.05
N ALA C 109 15.81 11.79 -2.52
CA ALA C 109 15.10 12.18 -3.72
C ALA C 109 14.28 13.45 -3.47
N LEU C 110 13.61 13.49 -2.32
CA LEU C 110 12.56 14.47 -2.05
C LEU C 110 12.96 15.67 -1.16
N GLY C 111 13.92 15.48 -0.26
CA GLY C 111 14.16 16.46 0.81
C GLY C 111 15.03 17.62 0.37
N GLN C 112 14.73 18.82 0.84
N GLN C 112 14.73 18.78 0.95
CA GLN C 112 15.59 19.98 0.59
CA GLN C 112 15.43 20.04 0.74
C GLN C 112 15.96 20.64 1.93
C GLN C 112 16.00 20.59 2.04
N PRO C 113 17.09 21.39 1.95
CA PRO C 113 17.52 22.11 3.14
C PRO C 113 16.37 22.83 3.84
N GLY C 114 16.30 22.71 5.16
CA GLY C 114 15.21 23.29 5.93
C GLY C 114 13.94 22.47 6.09
N ASP C 115 13.74 21.43 5.26
CA ASP C 115 12.65 20.46 5.52
C ASP C 115 12.84 19.76 6.87
N VAL C 116 11.78 19.15 7.38
CA VAL C 116 11.78 18.44 8.65
C VAL C 116 11.44 16.96 8.43
N LEU C 117 12.24 16.09 9.06
CA LEU C 117 11.95 14.68 9.11
C LEU C 117 11.32 14.35 10.45
N LEU C 118 10.12 13.79 10.43
CA LEU C 118 9.55 13.12 11.59
C LEU C 118 9.85 11.60 11.53
N ALA C 119 10.61 11.13 12.49
CA ALA C 119 11.08 9.76 12.54
C ALA C 119 10.51 9.08 13.80
N ILE C 120 9.72 8.03 13.58
CA ILE C 120 8.98 7.35 14.64
C ILE C 120 9.44 5.90 14.81
N SER C 121 9.87 5.59 16.02
CA SER C 121 10.34 4.27 16.39
C SER C 121 10.21 4.13 17.90
N THR C 122 9.52 3.10 18.33
CA THR C 122 9.29 2.88 19.75
C THR C 122 10.59 2.57 20.53
N SER C 123 11.55 1.91 19.88
CA SER C 123 12.82 1.58 20.54
C SER C 123 14.02 2.48 20.13
N GLY C 124 13.94 3.07 18.95
CA GLY C 124 15.02 3.90 18.42
C GLY C 124 16.10 3.06 17.77
N ASN C 125 15.78 1.81 17.46
CA ASN C 125 16.77 0.88 16.94
C ASN C 125 16.52 0.45 15.50
N SER C 126 15.58 1.10 14.83
CA SER C 126 15.24 0.75 13.47
C SER C 126 16.34 1.13 12.52
N ALA C 127 16.97 0.13 11.91
CA ALA C 127 18.07 0.36 11.00
C ALA C 127 17.68 1.32 9.88
N ASN C 128 16.45 1.19 9.40
CA ASN C 128 16.00 2.00 8.27
C ASN C 128 15.58 3.42 8.66
N VAL C 129 15.18 3.61 9.92
CA VAL C 129 14.94 4.98 10.43
C VAL C 129 16.26 5.69 10.81
N ILE C 130 17.22 4.92 11.30
CA ILE C 130 18.57 5.38 11.52
C ILE C 130 19.16 5.88 10.19
N GLN C 131 19.04 5.07 9.15
CA GLN C 131 19.48 5.47 7.81
C GLN C 131 18.69 6.72 7.33
N ALA C 132 17.38 6.76 7.60
CA ALA C 132 16.55 7.96 7.34
C ALA C 132 17.13 9.25 7.96
N ILE C 133 17.62 9.16 9.19
CA ILE C 133 18.18 10.29 9.93
C ILE C 133 19.49 10.78 9.34
N GLN C 134 20.31 9.86 8.82
CA GLN C 134 21.54 10.25 8.13
C GLN C 134 21.25 11.01 6.84
N ALA C 135 20.32 10.48 6.05
CA ALA C 135 19.85 11.12 4.82
C ALA C 135 19.31 12.50 5.10
N ALA C 136 18.49 12.63 6.13
CA ALA C 136 17.97 13.94 6.52
C ALA C 136 19.07 14.93 6.90
N HIS C 137 20.10 14.44 7.60
CA HIS C 137 21.23 15.31 7.95
C HIS C 137 22.05 15.73 6.75
N ASP C 138 22.30 14.77 5.85
CA ASP C 138 22.97 15.01 4.57
C ASP C 138 22.24 16.06 3.71
N ARG C 139 20.92 16.16 3.84
CA ARG C 139 20.11 17.13 3.07
C ARG C 139 19.80 18.41 3.83
N GLU C 140 20.52 18.64 4.94
CA GLU C 140 20.34 19.80 5.80
C GLU C 140 18.89 19.95 6.32
N MSE C 141 18.35 18.84 6.80
CA MSE C 141 17.04 18.81 7.40
C MSE C 141 17.15 18.69 8.92
O MSE C 141 18.11 18.10 9.42
CB MSE C 141 16.23 17.65 6.84
CG MSE C 141 15.94 17.78 5.37
SE MSE C 141 15.19 16.19 4.55
CE MSE C 141 13.62 15.86 5.65
N LEU C 142 16.19 19.26 9.61
CA LEU C 142 16.00 19.03 11.04
C LEU C 142 15.18 17.77 11.26
N VAL C 143 15.35 17.15 12.42
CA VAL C 143 14.71 15.89 12.72
C VAL C 143 13.92 16.00 14.01
N VAL C 144 12.66 15.60 13.94
CA VAL C 144 11.88 15.34 15.12
C VAL C 144 11.77 13.81 15.29
N ALA C 145 12.35 13.31 16.38
CA ALA C 145 12.38 11.88 16.67
C ALA C 145 11.45 11.52 17.81
N LEU C 146 10.50 10.65 17.50
CA LEU C 146 9.56 10.12 18.48
C LEU C 146 10.06 8.72 18.85
N THR C 147 10.42 8.56 20.13
CA THR C 147 11.06 7.34 20.60
C THR C 147 10.46 6.93 21.93
N GLY C 148 11.02 5.90 22.54
CA GLY C 148 10.67 5.46 23.90
C GLY C 148 11.90 4.78 24.49
N ARG C 149 11.73 3.99 25.55
CA ARG C 149 12.87 3.30 26.18
C ARG C 149 14.07 4.25 26.40
N ASP C 150 15.25 3.86 25.93
CA ASP C 150 16.45 4.66 26.16
C ASP C 150 16.83 5.55 24.99
N GLY C 151 15.97 5.60 23.97
CA GLY C 151 16.22 6.38 22.77
C GLY C 151 16.85 5.55 21.65
N GLY C 152 17.54 4.47 22.04
CA GLY C 152 18.24 3.60 21.10
C GLY C 152 19.34 4.30 20.33
N GLY C 153 19.73 3.69 19.21
CA GLY C 153 20.74 4.25 18.30
C GLY C 153 20.36 5.59 17.67
N MSE C 154 19.09 5.75 17.30
CA MSE C 154 18.61 7.05 16.80
C MSE C 154 18.87 8.22 17.75
O MSE C 154 19.28 9.28 17.30
CB MSE C 154 17.13 7.01 16.51
CG MSE C 154 16.74 6.15 15.36
SE MSE C 154 14.82 5.94 15.46
CE MSE C 154 14.32 7.81 15.82
N ALA C 155 18.60 8.03 19.04
CA ALA C 155 18.81 9.09 20.04
C ALA C 155 20.21 9.67 20.00
N SER C 156 21.19 8.78 19.86
CA SER C 156 22.59 9.17 19.84
C SER C 156 22.98 9.88 18.56
N LEU C 157 22.22 9.65 17.48
CA LEU C 157 22.51 10.27 16.19
C LEU C 157 21.92 11.66 15.99
N LEU C 158 21.05 12.10 16.90
CA LEU C 158 20.44 13.43 16.76
C LEU C 158 21.45 14.54 17.02
N LEU C 159 21.43 15.54 16.14
CA LEU C 159 22.29 16.70 16.24
C LEU C 159 21.65 17.72 17.19
N PRO C 160 22.40 18.76 17.62
CA PRO C 160 21.88 19.67 18.65
C PRO C 160 20.58 20.41 18.28
N GLU C 161 20.40 20.76 17.00
CA GLU C 161 19.18 21.41 16.56
C GLU C 161 17.98 20.48 16.39
N ASP C 162 18.20 19.16 16.38
CA ASP C 162 17.13 18.14 16.29
C ASP C 162 16.30 18.06 17.57
N VAL C 163 15.06 17.60 17.48
CA VAL C 163 14.24 17.41 18.71
C VAL C 163 13.90 15.93 18.94
N GLU C 164 14.04 15.47 20.18
CA GLU C 164 13.66 14.12 20.58
C GLU C 164 12.48 14.17 21.52
N ILE C 165 11.45 13.41 21.18
CA ILE C 165 10.31 13.25 22.06
C ILE C 165 10.34 11.80 22.55
N ARG C 166 10.96 11.59 23.71
CA ARG C 166 11.17 10.23 24.25
C ARG C 166 10.14 9.90 25.33
N VAL C 167 9.22 9.00 24.98
CA VAL C 167 8.23 8.47 25.92
C VAL C 167 8.95 7.76 27.09
N PRO C 168 8.62 8.11 28.36
CA PRO C 168 9.25 7.46 29.51
C PRO C 168 8.57 6.13 29.87
N SER C 169 8.97 5.06 29.16
CA SER C 169 8.36 3.74 29.29
C SER C 169 9.20 2.75 28.49
N LYS C 170 9.16 1.48 28.91
CA LYS C 170 9.89 0.42 28.24
C LYS C 170 8.94 -0.45 27.44
N ILE C 171 7.63 -0.25 27.67
CA ILE C 171 6.61 -1.13 27.10
C ILE C 171 6.15 -0.65 25.73
N THR C 172 6.34 -1.49 24.72
CA THR C 172 6.03 -1.12 23.35
C THR C 172 4.65 -0.52 23.14
N ALA C 173 3.62 -1.15 23.73
CA ALA C 173 2.24 -0.70 23.56
C ALA C 173 1.91 0.63 24.25
N ARG C 174 2.52 0.92 25.40
CA ARG C 174 2.31 2.23 26.05
C ARG C 174 3.03 3.32 25.28
N ILE C 175 4.23 3.02 24.79
CA ILE C 175 4.95 3.92 23.90
C ILE C 175 4.12 4.33 22.68
N GLN C 176 3.52 3.35 21.99
CA GLN C 176 2.61 3.59 20.88
C GLN C 176 1.41 4.46 21.24
N GLU C 177 0.86 4.24 22.43
CA GLU C 177 -0.29 5.03 22.91
C GLU C 177 0.08 6.49 23.12
N VAL C 178 1.23 6.74 23.73
CA VAL C 178 1.69 8.10 23.92
C VAL C 178 2.12 8.75 22.59
N HIS C 179 2.75 7.98 21.69
CA HIS C 179 3.04 8.45 20.33
C HIS C 179 1.81 8.99 19.59
N LEU C 180 0.72 8.23 19.55
CA LEU C 180 -0.49 8.72 18.91
C LEU C 180 -0.91 10.07 19.51
N LEU C 181 -0.87 10.16 20.85
CA LEU C 181 -1.20 11.39 21.57
C LEU C 181 -0.25 12.50 21.20
N ALA C 182 1.05 12.22 21.27
CA ALA C 182 2.10 13.17 20.88
C ALA C 182 1.86 13.79 19.50
N ILE C 183 1.59 12.94 18.51
CA ILE C 183 1.28 13.34 17.14
C ILE C 183 0.04 14.25 17.05
N HIS C 184 -1.04 13.87 17.72
CA HIS C 184 -2.23 14.69 17.89
C HIS C 184 -1.92 16.05 18.58
N CYS C 185 -0.99 16.06 19.53
CA CYS C 185 -0.49 17.32 20.09
C CYS C 185 0.25 18.17 19.05
N LEU C 186 1.07 17.52 18.22
CA LEU C 186 1.88 18.24 17.23
C LEU C 186 1.04 18.90 16.16
N CYS C 187 0.05 18.16 15.66
CA CYS C 187 -0.90 18.66 14.67
C CYS C 187 -1.68 19.85 15.20
N ASP C 188 -2.20 19.71 16.41
CA ASP C 188 -2.95 20.77 17.07
C ASP C 188 -2.10 21.99 17.30
N LEU C 189 -0.90 21.82 17.86
CA LEU C 189 -0.02 22.98 18.06
C LEU C 189 0.44 23.61 16.74
N ILE C 190 0.52 22.81 15.68
CA ILE C 190 0.91 23.32 14.38
C ILE C 190 -0.19 24.24 13.81
N ASP C 191 -1.45 23.87 13.98
CA ASP C 191 -2.55 24.71 13.52
C ASP C 191 -2.70 25.99 14.33
N ARG C 192 -2.66 25.88 15.66
CA ARG C 192 -2.74 27.05 16.54
C ARG C 192 -1.66 28.09 16.25
N GLN C 193 -0.41 27.63 16.15
CA GLN C 193 0.69 28.51 15.86
C GLN C 193 0.65 29.14 14.46
N LEU C 194 0.19 28.38 13.46
CA LEU C 194 0.16 28.89 12.08
C LEU C 194 -1.03 29.78 11.79
N PHE C 195 -2.21 29.39 12.29
CA PHE C 195 -3.45 30.03 11.90
C PHE C 195 -4.22 30.68 13.06
N GLY C 196 -3.95 30.21 14.27
CA GLY C 196 -4.66 30.71 15.44
C GLY C 196 -5.64 29.70 16.01
N SER C 197 -5.81 29.81 17.32
CA SER C 197 -6.95 29.17 18.03
C SER C 197 -8.28 29.64 17.45
N ASP D 4 3.81 25.59 20.67
CA ASP D 4 3.41 26.68 21.61
C ASP D 4 3.03 26.13 22.99
N MSE D 5 2.01 26.74 23.60
CA MSE D 5 1.67 26.52 24.99
C MSE D 5 1.82 25.10 25.50
O MSE D 5 1.13 24.17 25.07
CB MSE D 5 0.26 27.04 25.29
CG MSE D 5 0.22 28.54 25.41
SE MSE D 5 0.95 29.31 27.07
CE MSE D 5 1.87 27.84 27.99
N GLN D 6 2.76 24.97 26.43
CA GLN D 6 2.81 23.88 27.40
C GLN D 6 1.41 23.70 28.01
N HIS D 7 0.77 24.83 28.34
CA HIS D 7 -0.55 24.81 28.94
C HIS D 7 -1.57 24.07 28.08
N ARG D 8 -1.49 24.29 26.77
CA ARG D 8 -2.33 23.60 25.79
C ARG D 8 -1.97 22.09 25.70
N ILE D 9 -0.69 21.77 25.78
CA ILE D 9 -0.25 20.37 25.78
C ILE D 9 -0.78 19.58 26.98
N ARG D 10 -0.64 20.15 28.18
CA ARG D 10 -1.17 19.56 29.42
C ARG D 10 -2.68 19.35 29.32
N GLN D 11 -3.34 20.34 28.72
CA GLN D 11 -4.77 20.34 28.46
C GLN D 11 -5.21 19.16 27.56
N LEU D 12 -4.44 18.89 26.49
CA LEU D 12 -4.69 17.77 25.58
C LEU D 12 -4.42 16.44 26.27
N PHE D 13 -3.34 16.39 27.03
CA PHE D 13 -3.03 15.22 27.83
C PHE D 13 -4.14 14.93 28.85
N GLN D 14 -4.62 15.98 29.52
N GLN D 14 -4.62 15.96 29.55
CA GLN D 14 -5.68 15.83 30.53
CA GLN D 14 -5.68 15.73 30.53
C GLN D 14 -6.99 15.36 29.93
C GLN D 14 -6.99 15.28 29.89
N ALA D 15 -7.30 15.84 28.73
CA ALA D 15 -8.48 15.43 27.97
C ALA D 15 -8.38 13.97 27.56
N SER D 16 -7.19 13.56 27.13
CA SER D 16 -6.89 12.17 26.77
C SER D 16 -7.10 11.23 27.95
N ILE D 17 -6.46 11.55 29.07
CA ILE D 17 -6.65 10.84 30.33
C ILE D 17 -8.13 10.77 30.73
N GLU D 18 -8.85 11.90 30.66
CA GLU D 18 -10.26 11.95 31.10
C GLU D 18 -11.17 11.04 30.29
N THR D 19 -10.92 10.97 28.97
CA THR D 19 -11.73 10.10 28.11
C THR D 19 -11.47 8.63 28.39
N LYS D 20 -10.20 8.27 28.60
CA LYS D 20 -9.85 6.89 28.94
C LYS D 20 -10.45 6.47 30.28
N GLN D 21 -10.61 7.45 31.18
CA GLN D 21 -11.29 7.23 32.46
C GLN D 21 -12.80 6.98 32.24
N GLN D 22 -13.45 7.85 31.47
CA GLN D 22 -14.84 7.67 31.05
C GLN D 22 -15.05 6.35 30.30
N ALA D 23 -14.07 5.98 29.46
CA ALA D 23 -14.10 4.73 28.70
C ALA D 23 -13.93 3.52 29.61
N LEU D 24 -13.11 3.67 30.65
CA LEU D 24 -12.88 2.60 31.62
C LEU D 24 -14.16 2.23 32.39
N GLU D 25 -15.04 3.20 32.59
CA GLU D 25 -16.24 2.90 33.35
C GLU D 25 -17.35 2.23 32.53
N VAL D 26 -17.22 2.20 31.19
CA VAL D 26 -18.29 1.72 30.30
C VAL D 26 -17.91 0.60 29.29
N LEU D 27 -16.62 0.45 29.00
CA LEU D 27 -16.19 -0.41 27.88
C LEU D 27 -15.73 -1.82 28.25
N PRO D 28 -15.05 -1.99 29.39
CA PRO D 28 -14.50 -3.32 29.74
C PRO D 28 -15.41 -4.55 29.50
N PRO D 29 -16.68 -4.53 29.93
CA PRO D 29 -17.49 -5.74 29.63
C PRO D 29 -17.66 -6.07 28.13
N TYR D 30 -17.76 -5.05 27.29
CA TYR D 30 -17.80 -5.22 25.83
C TYR D 30 -16.45 -5.71 25.28
N ILE D 31 -15.36 -5.11 25.77
CA ILE D 31 -14.01 -5.53 25.41
C ILE D 31 -13.80 -6.99 25.76
N GLU D 32 -14.32 -7.41 26.91
CA GLU D 32 -14.26 -8.83 27.32
C GLU D 32 -15.06 -9.72 26.38
N GLN D 33 -16.29 -9.32 26.08
CA GLN D 33 -17.18 -10.05 25.17
C GLN D 33 -16.54 -10.27 23.80
N ALA D 34 -16.12 -9.16 23.17
CA ALA D 34 -15.47 -9.24 21.87
C ALA D 34 -14.39 -10.31 21.89
N SER D 35 -13.56 -10.30 22.93
CA SER D 35 -12.39 -11.17 23.00
C SER D 35 -12.76 -12.64 23.15
N LEU D 36 -13.89 -12.92 23.80
CA LEU D 36 -14.38 -14.30 23.96
C LEU D 36 -14.92 -14.77 22.62
N VAL D 37 -15.59 -13.85 21.92
CA VAL D 37 -16.09 -14.08 20.56
C VAL D 37 -14.96 -14.43 19.58
N MSE D 38 -13.82 -13.76 19.74
CA MSE D 38 -12.64 -13.93 18.88
C MSE D 38 -11.87 -15.19 19.22
O MSE D 38 -11.39 -15.86 18.32
CB MSE D 38 -11.75 -12.71 18.96
CG MSE D 38 -12.25 -11.54 18.16
SE MSE D 38 -11.37 -9.86 18.57
CE MSE D 38 -12.09 -8.80 17.07
N VAL D 39 -11.73 -15.47 20.51
CA VAL D 39 -11.11 -16.70 21.01
C VAL D 39 -11.94 -17.93 20.63
N ASN D 40 -13.25 -17.79 20.76
CA ASN D 40 -14.24 -18.77 20.31
C ASN D 40 -13.98 -19.18 18.86
N ALA D 41 -13.99 -18.19 17.96
CA ALA D 41 -13.81 -18.43 16.53
C ALA D 41 -12.45 -19.05 16.18
N LEU D 42 -11.38 -18.58 16.84
CA LEU D 42 -10.04 -19.09 16.60
C LEU D 42 -9.85 -20.52 17.13
N LEU D 43 -10.55 -20.85 18.21
CA LEU D 43 -10.54 -22.22 18.75
C LEU D 43 -11.33 -23.15 17.84
N ASN D 44 -12.42 -22.65 17.27
CA ASN D 44 -13.18 -23.41 16.26
C ASN D 44 -12.52 -23.37 14.86
N GLU D 45 -11.20 -23.26 14.82
N GLU D 45 -11.20 -23.23 14.87
CA GLU D 45 -10.40 -23.26 13.58
CA GLU D 45 -10.35 -23.17 13.66
C GLU D 45 -10.71 -22.14 12.57
C GLU D 45 -10.86 -22.22 12.57
N GLY D 46 -11.42 -21.10 13.01
CA GLY D 46 -11.82 -19.99 12.14
C GLY D 46 -10.76 -18.89 12.08
N LYS D 47 -11.16 -17.74 11.54
CA LYS D 47 -10.23 -16.61 11.37
C LYS D 47 -10.85 -15.25 11.63
N ILE D 48 -10.00 -14.23 11.65
CA ILE D 48 -10.45 -12.84 11.87
C ILE D 48 -9.99 -11.93 10.74
N LEU D 49 -10.93 -11.20 10.15
CA LEU D 49 -10.58 -10.21 9.15
C LEU D 49 -10.82 -8.85 9.76
N SER D 50 -9.92 -7.90 9.55
CA SER D 50 -10.18 -6.56 10.10
C SER D 50 -10.28 -5.51 9.02
N CYS D 51 -10.90 -4.37 9.31
CA CYS D 51 -10.98 -3.30 8.32
C CYS D 51 -11.30 -1.94 8.94
N GLY D 52 -11.00 -0.86 8.22
CA GLY D 52 -11.32 0.50 8.66
C GLY D 52 -10.76 1.56 7.73
N ASN D 53 -11.41 2.72 7.66
CA ASN D 53 -10.92 3.82 6.83
C ASN D 53 -10.39 4.98 7.65
N GLY D 54 -9.63 5.86 7.00
CA GLY D 54 -9.15 7.09 7.62
C GLY D 54 -8.14 6.81 8.71
N GLY D 55 -8.31 7.47 9.86
CA GLY D 55 -7.46 7.22 11.02
C GLY D 55 -7.72 5.88 11.72
N SER D 56 -8.42 4.97 11.05
CA SER D 56 -8.71 3.64 11.60
C SER D 56 -8.08 2.48 10.83
N ALA D 57 -7.59 2.74 9.62
CA ALA D 57 -6.99 1.69 8.78
C ALA D 57 -5.73 1.08 9.39
N GLY D 58 -4.87 1.93 9.94
CA GLY D 58 -3.67 1.48 10.64
C GLY D 58 -3.97 0.55 11.81
N ASP D 59 -5.03 0.89 12.55
CA ASP D 59 -5.50 0.08 13.67
C ASP D 59 -5.87 -1.35 13.23
N ALA D 60 -6.60 -1.45 12.11
CA ALA D 60 -6.94 -2.74 11.52
C ALA D 60 -5.70 -3.58 11.23
N GLN D 61 -4.71 -2.97 10.54
CA GLN D 61 -3.41 -3.61 10.23
C GLN D 61 -2.61 -3.98 11.47
N HIS D 62 -2.58 -3.06 12.43
CA HIS D 62 -1.80 -3.20 13.66
C HIS D 62 -2.29 -4.40 14.47
N PHE D 63 -3.60 -4.61 14.47
CA PHE D 63 -4.24 -5.74 15.13
C PHE D 63 -3.82 -7.05 14.46
N SER D 64 -4.08 -7.16 13.16
CA SER D 64 -3.80 -8.38 12.42
C SER D 64 -2.33 -8.81 12.44
N SER D 65 -1.44 -7.87 12.16
CA SER D 65 -0.01 -8.17 12.01
C SER D 65 0.69 -8.42 13.34
N GLU D 66 0.10 -7.95 14.44
CA GLU D 66 0.53 -8.43 15.74
C GLU D 66 0.31 -9.94 15.72
N LEU D 67 -0.96 -10.34 15.65
CA LEU D 67 -1.35 -11.76 15.75
C LEU D 67 -0.78 -12.68 14.69
N LEU D 68 -0.75 -12.23 13.43
CA LEU D 68 -0.26 -13.08 12.34
C LEU D 68 1.27 -13.20 12.35
N ASN D 69 1.96 -12.06 12.36
CA ASN D 69 3.41 -11.99 12.18
C ASN D 69 4.22 -12.24 13.44
N ARG D 70 3.82 -11.64 14.55
CA ARG D 70 4.50 -11.76 15.86
C ARG D 70 5.80 -10.95 16.00
N ARG D 75 5.37 -16.53 20.47
CA ARG D 75 3.94 -16.78 20.36
C ARG D 75 3.62 -17.46 19.03
N PRO D 76 2.63 -18.36 19.01
CA PRO D 76 2.12 -18.89 17.76
C PRO D 76 1.40 -17.82 16.94
N SER D 77 1.51 -17.92 15.62
CA SER D 77 0.79 -17.06 14.71
C SER D 77 -0.71 -17.38 14.80
N LEU D 78 -1.52 -16.33 14.74
CA LEU D 78 -2.97 -16.50 14.71
C LEU D 78 -3.52 -15.91 13.40
N PRO D 79 -4.44 -16.64 12.73
CA PRO D 79 -5.07 -16.24 11.45
C PRO D 79 -5.91 -14.97 11.55
N ALA D 80 -5.22 -13.83 11.55
CA ALA D 80 -5.85 -12.53 11.50
C ALA D 80 -5.21 -11.81 10.34
N VAL D 81 -6.02 -11.36 9.39
CA VAL D 81 -5.56 -10.66 8.21
C VAL D 81 -6.32 -9.35 8.11
N ALA D 82 -5.60 -8.25 7.87
CA ALA D 82 -6.25 -6.97 7.59
C ALA D 82 -6.61 -6.83 6.11
N LEU D 83 -7.87 -6.49 5.84
CA LEU D 83 -8.30 -6.18 4.48
C LEU D 83 -7.53 -4.96 3.98
N THR D 84 -6.76 -5.17 2.92
CA THR D 84 -5.71 -4.25 2.54
C THR D 84 -5.97 -3.73 1.12
N THR D 85 -7.02 -2.92 1.01
CA THR D 85 -7.44 -2.21 -0.21
C THR D 85 -6.57 -2.42 -1.46
N ASN D 100 -18.06 1.55 -2.86
CA ASN D 100 -17.89 1.32 -1.43
C ASN D 100 -17.78 -0.16 -1.08
N GLU D 101 -17.35 -0.97 -2.04
CA GLU D 101 -17.35 -2.44 -1.89
C GLU D 101 -15.93 -2.99 -1.77
N VAL D 102 -14.98 -2.09 -1.58
CA VAL D 102 -13.58 -2.45 -1.37
C VAL D 102 -13.42 -3.60 -0.36
N PHE D 103 -14.00 -3.43 0.83
CA PHE D 103 -13.89 -4.44 1.89
C PHE D 103 -14.91 -5.53 1.69
N SER D 104 -16.11 -5.14 1.32
CA SER D 104 -17.21 -6.07 1.20
C SER D 104 -16.86 -7.18 0.21
N LYS D 105 -16.30 -6.81 -0.95
CA LYS D 105 -15.88 -7.77 -1.97
C LYS D 105 -14.89 -8.81 -1.45
N GLN D 106 -13.97 -8.36 -0.62
CA GLN D 106 -12.92 -9.26 -0.07
C GLN D 106 -13.46 -10.24 0.98
N ILE D 107 -14.36 -9.75 1.82
CA ILE D 107 -15.08 -10.57 2.81
C ILE D 107 -15.85 -11.72 2.17
N ARG D 108 -16.68 -11.40 1.17
CA ARG D 108 -17.35 -12.42 0.31
C ARG D 108 -16.38 -13.49 -0.21
N ALA D 109 -15.22 -13.05 -0.69
CA ALA D 109 -14.21 -13.96 -1.23
C ALA D 109 -13.51 -14.80 -0.15
N LEU D 110 -13.13 -14.16 0.96
CA LEU D 110 -12.30 -14.81 1.97
C LEU D 110 -13.05 -15.35 3.20
N GLY D 111 -14.20 -14.76 3.51
CA GLY D 111 -14.97 -15.12 4.70
C GLY D 111 -15.56 -16.52 4.63
N GLN D 112 -15.58 -17.21 5.76
CA GLN D 112 -16.27 -18.50 5.89
C GLN D 112 -17.13 -18.43 7.16
N PRO D 113 -18.24 -19.20 7.23
CA PRO D 113 -19.10 -19.28 8.42
C PRO D 113 -18.38 -19.37 9.78
N GLY D 114 -18.70 -18.47 10.69
CA GLY D 114 -18.06 -18.48 12.00
C GLY D 114 -16.98 -17.43 12.20
N ASP D 115 -16.21 -17.15 11.14
CA ASP D 115 -15.18 -16.09 11.15
C ASP D 115 -15.65 -14.80 11.82
N VAL D 116 -14.71 -13.98 12.26
CA VAL D 116 -15.05 -12.68 12.85
C VAL D 116 -14.53 -11.52 12.01
N LEU D 117 -15.37 -10.52 11.84
CA LEU D 117 -14.96 -9.26 11.27
C LEU D 117 -14.67 -8.27 12.39
N LEU D 118 -13.45 -7.72 12.41
CA LEU D 118 -13.16 -6.57 13.24
C LEU D 118 -13.30 -5.29 12.40
N ALA D 119 -14.34 -4.51 12.67
CA ALA D 119 -14.65 -3.29 11.92
C ALA D 119 -14.46 -2.04 12.79
N ILE D 120 -13.67 -1.08 12.30
CA ILE D 120 -13.26 0.07 13.11
C ILE D 120 -13.64 1.38 12.42
N SER D 121 -14.33 2.25 13.13
CA SER D 121 -14.72 3.57 12.62
C SER D 121 -14.97 4.55 13.76
N THR D 122 -14.43 5.74 13.63
CA THR D 122 -14.58 6.76 14.67
C THR D 122 -16.00 7.33 14.72
N SER D 123 -16.64 7.43 13.55
CA SER D 123 -17.98 8.02 13.44
C SER D 123 -19.08 6.99 13.35
N GLY D 124 -18.74 5.80 12.87
CA GLY D 124 -19.72 4.73 12.63
C GLY D 124 -20.44 4.92 11.30
N ASN D 125 -19.90 5.85 10.49
CA ASN D 125 -20.54 6.25 9.23
C ASN D 125 -19.74 5.92 7.96
N SER D 126 -18.63 5.20 8.09
CA SER D 126 -17.86 4.82 6.91
C SER D 126 -18.68 3.85 6.06
N ALA D 127 -19.03 4.31 4.85
CA ALA D 127 -19.91 3.58 3.93
C ALA D 127 -19.38 2.20 3.58
N ASN D 128 -18.07 2.10 3.35
CA ASN D 128 -17.49 0.80 3.00
C ASN D 128 -17.33 -0.19 4.16
N VAL D 129 -17.26 0.31 5.40
CA VAL D 129 -17.30 -0.58 6.57
C VAL D 129 -18.75 -1.04 6.88
N ILE D 130 -19.72 -0.15 6.64
CA ILE D 130 -21.13 -0.53 6.64
C ILE D 130 -21.39 -1.70 5.68
N GLN D 131 -20.95 -1.57 4.42
CA GLN D 131 -20.99 -2.68 3.47
C GLN D 131 -20.09 -3.86 3.86
N ALA D 132 -19.05 -3.58 4.64
CA ALA D 132 -18.24 -4.65 5.22
C ALA D 132 -19.06 -5.48 6.22
N ILE D 133 -19.85 -4.78 7.04
CA ILE D 133 -20.70 -5.44 8.07
C ILE D 133 -21.77 -6.33 7.43
N GLN D 134 -22.46 -5.79 6.42
CA GLN D 134 -23.45 -6.57 5.66
C GLN D 134 -22.85 -7.81 4.99
N ALA D 135 -21.67 -7.67 4.37
CA ALA D 135 -20.97 -8.81 3.76
C ALA D 135 -20.63 -9.90 4.76
N ALA D 136 -20.22 -9.48 5.97
CA ALA D 136 -19.90 -10.42 7.05
C ALA D 136 -21.15 -11.19 7.49
N HIS D 137 -22.28 -10.50 7.55
CA HIS D 137 -23.53 -11.16 7.91
C HIS D 137 -23.96 -12.21 6.89
N ASP D 138 -23.88 -11.84 5.61
CA ASP D 138 -24.11 -12.77 4.51
C ASP D 138 -23.17 -13.98 4.54
N ARG D 139 -22.02 -13.85 5.20
CA ARG D 139 -21.11 -14.99 5.35
C ARG D 139 -21.32 -15.81 6.62
N GLU D 140 -22.37 -15.49 7.37
CA GLU D 140 -22.57 -16.11 8.69
C GLU D 140 -21.32 -15.86 9.56
N MSE D 141 -20.89 -14.61 9.58
CA MSE D 141 -19.74 -14.18 10.37
C MSE D 141 -20.20 -13.24 11.46
O MSE D 141 -21.13 -12.45 11.28
CB MSE D 141 -18.71 -13.43 9.51
CG MSE D 141 -17.88 -14.28 8.58
SE MSE D 141 -16.90 -13.09 7.34
CE MSE D 141 -15.60 -12.23 8.60
N LEU D 142 -19.52 -13.29 12.61
CA LEU D 142 -19.79 -12.36 13.70
C LEU D 142 -18.94 -11.08 13.56
N VAL D 143 -19.50 -9.95 13.97
CA VAL D 143 -18.85 -8.65 13.83
C VAL D 143 -18.48 -8.05 15.20
N VAL D 144 -17.24 -7.56 15.33
CA VAL D 144 -16.85 -6.73 16.47
C VAL D 144 -16.60 -5.31 15.95
N ALA D 145 -17.37 -4.35 16.45
CA ALA D 145 -17.34 -2.98 15.96
C ALA D 145 -16.74 -2.02 16.96
N LEU D 146 -15.64 -1.37 16.56
CA LEU D 146 -15.06 -0.30 17.35
C LEU D 146 -15.55 1.02 16.81
N THR D 147 -16.28 1.75 17.65
CA THR D 147 -16.93 2.99 17.21
C THR D 147 -16.76 4.09 18.23
N GLY D 148 -17.43 5.21 17.96
CA GLY D 148 -17.50 6.31 18.89
C GLY D 148 -18.79 7.04 18.64
N ARG D 149 -18.86 8.29 19.13
CA ARG D 149 -20.02 9.15 18.93
C ARG D 149 -21.31 8.38 19.25
N ASP D 150 -22.30 8.45 18.37
CA ASP D 150 -23.56 7.76 18.59
C ASP D 150 -23.61 6.43 17.86
N GLY D 151 -22.45 6.02 17.33
CA GLY D 151 -22.29 4.71 16.70
C GLY D 151 -22.64 4.67 15.22
N GLY D 152 -23.27 5.75 14.74
CA GLY D 152 -23.66 5.91 13.33
C GLY D 152 -24.41 4.76 12.69
N GLY D 153 -24.37 4.72 11.36
CA GLY D 153 -25.05 3.68 10.58
C GLY D 153 -24.58 2.26 10.85
N MSE D 154 -23.41 2.11 11.47
CA MSE D 154 -22.86 0.81 11.81
C MSE D 154 -23.57 0.16 12.98
O MSE D 154 -23.82 -1.05 12.97
CB MSE D 154 -21.37 0.94 12.13
CG MSE D 154 -20.47 0.99 10.90
SE MSE D 154 -18.60 1.30 11.36
CE MSE D 154 -18.27 -0.25 12.52
N ALA D 155 -23.88 0.95 14.01
CA ALA D 155 -24.60 0.49 15.19
C ALA D 155 -25.96 -0.09 14.83
N SER D 156 -26.67 0.60 13.94
CA SER D 156 -28.02 0.19 13.53
C SER D 156 -28.05 -1.05 12.62
N LEU D 157 -26.89 -1.50 12.17
CA LEU D 157 -26.77 -2.72 11.35
C LEU D 157 -26.44 -3.96 12.17
N LEU D 158 -25.93 -3.75 13.37
CA LEU D 158 -25.45 -4.83 14.19
C LEU D 158 -26.54 -5.79 14.59
N LEU D 159 -26.22 -7.08 14.55
CA LEU D 159 -27.13 -8.12 14.99
C LEU D 159 -26.82 -8.50 16.44
N PRO D 160 -27.83 -9.02 17.19
CA PRO D 160 -27.72 -9.35 18.61
C PRO D 160 -26.43 -10.06 19.04
N GLU D 161 -25.85 -10.85 18.16
CA GLU D 161 -24.64 -11.62 18.50
C GLU D 161 -23.35 -10.83 18.22
N ASP D 162 -23.48 -9.69 17.54
CA ASP D 162 -22.35 -8.78 17.32
C ASP D 162 -22.07 -7.94 18.58
N VAL D 163 -20.85 -7.40 18.69
CA VAL D 163 -20.42 -6.58 19.84
C VAL D 163 -19.96 -5.19 19.41
N GLU D 164 -20.60 -4.14 19.93
CA GLU D 164 -20.10 -2.78 19.75
C GLU D 164 -19.17 -2.42 20.92
N ILE D 165 -18.08 -1.73 20.59
CA ILE D 165 -17.23 -1.09 21.58
C ILE D 165 -17.23 0.39 21.25
N ARG D 166 -18.17 1.11 21.87
CA ARG D 166 -18.40 2.52 21.54
C ARG D 166 -17.65 3.44 22.51
N VAL D 167 -16.81 4.30 21.96
CA VAL D 167 -16.06 5.26 22.77
C VAL D 167 -17.00 6.42 23.13
N PRO D 168 -17.19 6.67 24.46
CA PRO D 168 -18.07 7.74 24.97
C PRO D 168 -17.47 9.12 24.73
N SER D 169 -17.33 9.49 23.47
CA SER D 169 -16.69 10.73 23.11
C SER D 169 -17.15 11.09 21.72
N LYS D 170 -17.27 12.39 21.47
CA LYS D 170 -17.63 12.92 20.16
C LYS D 170 -16.38 13.40 19.39
N ILE D 171 -15.24 13.45 20.09
CA ILE D 171 -13.99 13.98 19.53
C ILE D 171 -13.16 12.87 18.87
N THR D 172 -13.01 13.00 17.55
CA THR D 172 -12.28 12.08 16.68
C THR D 172 -10.94 11.64 17.24
N ALA D 173 -10.11 12.60 17.65
CA ALA D 173 -8.78 12.33 18.19
C ALA D 173 -8.82 11.52 19.49
N ARG D 174 -9.83 11.75 20.32
CA ARG D 174 -10.05 10.98 21.55
C ARG D 174 -10.49 9.55 21.28
N ILE D 175 -11.38 9.39 20.31
CA ILE D 175 -11.86 8.05 19.93
C ILE D 175 -10.71 7.18 19.41
N GLN D 176 -9.90 7.75 18.51
CA GLN D 176 -8.72 7.09 17.94
C GLN D 176 -7.78 6.63 19.06
N GLU D 177 -7.50 7.52 20.01
CA GLU D 177 -6.63 7.18 21.15
C GLU D 177 -7.18 5.97 21.94
N VAL D 178 -8.49 5.95 22.18
CA VAL D 178 -9.14 4.87 22.91
C VAL D 178 -9.22 3.62 22.06
N HIS D 179 -9.46 3.77 20.76
CA HIS D 179 -9.48 2.61 19.85
C HIS D 179 -8.18 1.82 19.88
N LEU D 180 -7.04 2.51 19.93
CA LEU D 180 -5.75 1.83 19.99
C LEU D 180 -5.58 1.07 21.33
N LEU D 181 -5.83 1.73 22.46
CA LEU D 181 -5.92 1.00 23.74
C LEU D 181 -6.84 -0.22 23.66
N ALA D 182 -8.05 -0.04 23.14
CA ALA D 182 -9.01 -1.15 23.05
C ALA D 182 -8.48 -2.32 22.23
N ILE D 183 -7.79 -2.02 21.12
CA ILE D 183 -7.17 -3.04 20.26
C ILE D 183 -6.02 -3.76 20.96
N HIS D 184 -5.21 -3.02 21.70
CA HIS D 184 -4.17 -3.59 22.56
C HIS D 184 -4.74 -4.52 23.62
N CYS D 185 -5.87 -4.16 24.22
CA CYS D 185 -6.58 -5.06 25.17
C CYS D 185 -7.03 -6.37 24.49
N LEU D 186 -7.79 -6.26 23.40
CA LEU D 186 -8.25 -7.47 22.69
C LEU D 186 -7.11 -8.44 22.43
N CYS D 187 -6.00 -7.92 21.89
CA CYS D 187 -4.83 -8.75 21.59
C CYS D 187 -4.30 -9.43 22.83
N ASP D 188 -4.20 -8.65 23.89
CA ASP D 188 -3.75 -9.16 25.17
C ASP D 188 -4.70 -10.25 25.72
N LEU D 189 -6.01 -10.00 25.73
CA LEU D 189 -6.96 -11.00 26.23
C LEU D 189 -7.01 -12.30 25.40
N ILE D 190 -6.86 -12.19 24.08
CA ILE D 190 -6.81 -13.39 23.23
C ILE D 190 -5.60 -14.25 23.60
N ASP D 191 -4.43 -13.62 23.73
CA ASP D 191 -3.22 -14.35 24.08
C ASP D 191 -3.30 -14.88 25.51
N ARG D 192 -3.93 -14.10 26.40
CA ARG D 192 -4.19 -14.50 27.76
C ARG D 192 -5.01 -15.79 27.85
N GLN D 193 -6.04 -15.91 27.00
CA GLN D 193 -6.93 -17.06 27.05
C GLN D 193 -6.39 -18.28 26.31
N LEU D 194 -5.84 -18.06 25.12
CA LEU D 194 -5.31 -19.15 24.32
C LEU D 194 -4.04 -19.73 24.91
N PHE D 195 -3.19 -18.87 25.46
CA PHE D 195 -1.88 -19.29 25.94
C PHE D 195 -1.70 -19.14 27.46
N GLY D 196 -2.20 -18.05 28.02
CA GLY D 196 -2.22 -17.89 29.48
C GLY D 196 -1.20 -16.93 30.07
N SER D 197 -1.47 -16.51 31.30
CA SER D 197 -0.59 -15.67 32.12
C SER D 197 -1.21 -15.52 33.50
S SO4 E . 11.03 -11.04 -9.12
O1 SO4 E . 12.08 -12.01 -9.41
O2 SO4 E . 10.40 -11.38 -7.85
O3 SO4 E . 11.60 -9.69 -9.04
O4 SO4 E . 10.01 -11.05 -10.18
S SO4 F . -7.92 5.33 -16.53
O1 SO4 F . -6.51 4.95 -16.46
O2 SO4 F . -8.06 6.79 -16.50
O3 SO4 F . -8.50 4.82 -17.78
O4 SO4 F . -8.62 4.76 -15.39
S SO4 G . 10.76 -0.14 15.96
O1 SO4 G . 11.34 -1.04 14.96
O2 SO4 G . 11.57 -0.16 17.19
O3 SO4 G . 10.71 1.20 15.41
O4 SO4 G . 9.39 -0.57 16.28
S SO4 H . -14.00 6.84 10.21
O1 SO4 H . -14.13 5.56 9.53
O2 SO4 H . -13.07 6.67 11.33
O3 SO4 H . -13.45 7.84 9.30
O4 SO4 H . -15.32 7.29 10.67
CL CL I . -13.88 16.33 16.05
#